data_8B3J
#
_entry.id   8B3J
#
loop_
_entity.id
_entity.type
_entity.pdbx_description
1 polymer 'Structural polyprotein'
2 polymer 'Structural polyprotein'
3 polymer 'Structural polyprotein'
#
loop_
_entity_poly.entity_id
_entity_poly.type
_entity_poly.pdbx_seq_one_letter_code
_entity_poly.pdbx_strand_id
1 'polypeptide(L)'
;SPLAIAGNRAGGSGAITLEPFGSDNTSPELSKLHFGETYDHMRVLVKGYNFYKAVLDNTTITDPDNPSGTVVIRSTVPDF
PAPRGHIPNGPDKPFLPHPENAALCTHLTWFSPCYVARRGGIRWKYLHFGARFGATDAPKGLGFVNRVPQVPYGRRPLGN
ERLPLTDVNGFNPTELSQAFSNENGGVYATDLDVQPAIEVELPFYSSLRFVNPRWDDYEKIGIHRHSIDLLSYRTNGAKC
EDAWMAYVAAGDDFNLSWMLSCPPFRLVNL
;
A
2 'polypeptide(L)'
;AVKDTIEGNSETLSGTHQNETLALYSNVDQTAVKIMSSIDPTRADCVSNDHELGNFLSRPVRIMRESISLDERTSTTIAP
WDVYLRHPMINKKIANYEYLRANLVLEVVVNGGPFFYGKMLLGYTPFGYEDSLKNFNRIPIGHQNTMLSQQPHVKIDFCE
STGGVLHLPFVYNRNYMRISEGSGEPASMGELRLNTLNALKNISFTGPASSVATITVFAYLDNVELVAPSANDPITAQQP
EL
;
B
3 'polypeptide(L)'
;CRPVVIDPPHKYRPTYVGNMANADIAEAVDKLSLTSKQELTINHDVIGKKSDGDDMHLSTFFGREAYMDRFEWKTTDSYD
TLLFYTHVHPILFKRFEATSGDYDVGMLLPPVGYATIPFSFWRGGMTFRFSIVASAFHRGRLRIVYQPQGGLGTVPGFSA
AFNRVIDLGDARDFEVTVEWNQNIAFREVHTTGSNVPSAQYTPGLDVGRTSQLPLGDQTSVSNGVLAVYVVNDLVSPDGG
TDESVEVNWFVKGAPSFEVASRDTKFARWSTHWSQEEF
;
C
#
# COMPACT_ATOMS: atom_id res chain seq x y z
N GLY A 14 -22.39 -3.53 -23.49
CA GLY A 14 -22.01 -2.36 -24.26
C GLY A 14 -20.50 -2.17 -24.35
N ALA A 15 -19.98 -1.29 -23.50
CA ALA A 15 -18.55 -1.01 -23.42
C ALA A 15 -18.01 -0.54 -24.78
N ILE A 16 -18.52 0.60 -25.22
CA ILE A 16 -18.12 1.17 -26.51
C ILE A 16 -16.82 1.95 -26.33
N THR A 17 -15.84 1.66 -27.18
CA THR A 17 -14.58 2.39 -27.19
C THR A 17 -14.70 3.56 -28.17
N LEU A 18 -14.68 4.78 -27.64
CA LEU A 18 -14.85 5.96 -28.47
C LEU A 18 -13.57 6.27 -29.23
N GLU A 19 -13.59 7.35 -29.98
CA GLU A 19 -12.41 7.78 -30.74
C GLU A 19 -11.43 8.48 -29.81
N PRO A 20 -10.16 8.05 -29.78
CA PRO A 20 -9.18 8.69 -28.90
C PRO A 20 -8.99 10.16 -29.24
N PHE A 21 -8.77 10.97 -28.21
CA PHE A 21 -8.48 12.39 -28.38
C PHE A 21 -7.00 12.53 -28.70
N GLY A 22 -6.65 12.37 -29.97
CA GLY A 22 -5.27 12.51 -30.40
C GLY A 22 -4.61 11.17 -30.65
N SER A 23 -3.29 11.22 -30.79
CA SER A 23 -2.51 10.02 -31.03
C SER A 23 -1.13 10.18 -30.42
N ASP A 24 -0.45 9.06 -30.21
CA ASP A 24 0.88 9.03 -29.63
C ASP A 24 1.89 8.73 -30.73
N ASN A 25 2.77 9.69 -30.99
CA ASN A 25 3.79 9.57 -32.02
C ASN A 25 5.16 9.96 -31.49
N THR A 26 5.47 9.50 -30.27
CA THR A 26 6.73 9.86 -29.64
C THR A 26 7.91 9.28 -30.42
N SER A 27 8.99 10.04 -30.47
CA SER A 27 10.19 9.57 -31.16
C SER A 27 10.79 8.39 -30.43
N PRO A 28 11.36 7.42 -31.15
CA PRO A 28 12.08 6.33 -30.47
C PRO A 28 13.30 6.78 -29.69
N GLU A 29 13.80 8.00 -29.92
CA GLU A 29 14.94 8.53 -29.18
C GLU A 29 14.45 9.73 -28.36
N LEU A 30 13.91 9.43 -27.18
CA LEU A 30 13.51 10.45 -26.22
C LEU A 30 14.25 10.34 -24.90
N SER A 31 14.72 9.15 -24.54
CA SER A 31 15.52 8.98 -23.33
C SER A 31 16.90 9.64 -23.45
N LYS A 32 17.31 10.03 -24.65
CA LYS A 32 18.58 10.70 -24.86
C LYS A 32 18.42 12.12 -25.39
N LEU A 33 17.27 12.72 -25.13
CA LEU A 33 17.01 14.10 -25.52
C LEU A 33 16.60 14.98 -24.35
N HIS A 34 15.89 14.45 -23.36
CA HIS A 34 15.45 15.24 -22.22
C HIS A 34 16.09 14.79 -20.92
N PHE A 35 15.96 13.53 -20.55
CA PHE A 35 16.63 12.98 -19.37
C PHE A 35 17.74 12.04 -19.82
N GLY A 36 18.35 11.37 -18.86
CA GLY A 36 19.43 10.47 -19.20
C GLY A 36 18.99 9.04 -19.43
N GLU A 37 18.11 8.54 -18.59
CA GLU A 37 17.76 7.12 -18.57
C GLU A 37 16.25 6.99 -18.43
N THR A 38 15.79 5.76 -18.18
CA THR A 38 14.37 5.46 -18.07
C THR A 38 14.04 5.01 -16.65
N TYR A 39 12.90 5.47 -16.15
CA TYR A 39 12.43 5.16 -14.80
C TYR A 39 11.13 4.36 -14.94
N ASP A 40 11.24 3.04 -15.03
CA ASP A 40 10.05 2.20 -15.13
C ASP A 40 10.07 0.96 -14.26
N HIS A 41 11.16 0.66 -13.58
CA HIS A 41 11.26 -0.52 -12.73
C HIS A 41 11.43 -0.08 -11.29
N MET A 42 10.55 -0.57 -10.41
CA MET A 42 10.65 -0.23 -9.00
C MET A 42 11.78 -0.99 -8.31
N ARG A 43 12.09 -2.19 -8.80
CA ARG A 43 13.16 -2.98 -8.21
C ARG A 43 14.50 -2.25 -8.28
N VAL A 44 14.79 -1.61 -9.41
CA VAL A 44 16.02 -0.84 -9.53
C VAL A 44 15.95 0.44 -8.69
N LEU A 45 14.81 1.12 -8.70
CA LEU A 45 14.68 2.37 -7.96
C LEU A 45 14.91 2.16 -6.47
N VAL A 46 14.41 1.05 -5.92
CA VAL A 46 14.43 0.83 -4.48
C VAL A 46 15.82 0.48 -3.99
N LYS A 47 16.78 0.39 -4.91
CA LYS A 47 18.15 0.04 -4.55
C LYS A 47 19.02 1.23 -4.20
N GLY A 48 18.54 2.46 -4.39
CA GLY A 48 19.24 3.63 -3.91
C GLY A 48 19.04 3.80 -2.42
N TYR A 49 19.69 4.80 -1.87
CA TYR A 49 19.68 5.02 -0.43
C TYR A 49 18.83 6.22 -0.06
N ASN A 50 18.13 6.11 1.06
CA ASN A 50 17.34 7.19 1.62
C ASN A 50 17.70 7.38 3.07
N PHE A 51 17.33 8.53 3.62
CA PHE A 51 17.64 8.86 5.00
C PHE A 51 16.47 8.47 5.90
N TYR A 52 16.73 7.54 6.81
CA TYR A 52 15.78 7.16 7.84
C TYR A 52 16.00 8.06 9.06
N LYS A 53 15.46 7.70 10.21
CA LYS A 53 15.61 8.50 11.42
C LYS A 53 17.06 8.50 11.88
N ALA A 54 17.30 9.21 12.98
CA ALA A 54 18.59 9.22 13.67
C ALA A 54 18.45 8.47 14.98
N VAL A 55 19.36 7.53 15.21
CA VAL A 55 19.26 6.61 16.35
C VAL A 55 19.98 7.25 17.53
N LEU A 56 19.21 7.89 18.41
CA LEU A 56 19.72 8.52 19.61
C LEU A 56 19.58 7.58 20.80
N ASP A 57 19.85 8.09 22.00
CA ASP A 57 19.51 7.40 23.24
C ASP A 57 19.23 8.47 24.30
N ASN A 58 17.95 8.83 24.42
CA ASN A 58 17.52 9.79 25.42
C ASN A 58 16.43 9.26 26.33
N THR A 59 16.06 7.98 26.21
CA THR A 59 15.07 7.41 27.10
C THR A 59 15.67 7.07 28.46
N THR A 60 16.92 6.63 28.49
CA THR A 60 17.53 6.15 29.71
C THR A 60 17.97 7.26 30.66
N ILE A 61 18.18 8.48 30.17
CA ILE A 61 18.72 9.55 31.01
C ILE A 61 17.75 9.98 32.10
N THR A 62 16.49 9.54 32.04
CA THR A 62 15.56 9.82 33.13
C THR A 62 15.84 8.97 34.37
N ASP A 63 16.70 7.97 34.27
CA ASP A 63 17.07 7.18 35.43
C ASP A 63 17.92 8.02 36.38
N PRO A 64 17.86 7.74 37.68
CA PRO A 64 18.70 8.46 38.65
C PRO A 64 20.03 7.81 38.94
N ASP A 65 20.39 6.72 38.26
CA ASP A 65 21.61 6.00 38.55
C ASP A 65 22.33 5.55 37.28
N ASN A 66 22.21 6.30 36.20
CA ASN A 66 22.89 5.93 34.97
C ASN A 66 24.39 6.08 35.13
N PRO A 67 25.19 5.21 34.53
CA PRO A 67 26.65 5.32 34.66
C PRO A 67 27.18 6.55 33.96
N SER A 68 28.32 7.04 34.45
CA SER A 68 28.96 8.24 33.91
C SER A 68 30.45 8.00 33.77
N GLY A 69 30.93 7.89 32.54
CA GLY A 69 32.35 7.74 32.29
C GLY A 69 32.76 6.40 31.72
N THR A 70 33.15 6.38 30.44
CA THR A 70 33.68 5.19 29.78
C THR A 70 32.70 4.02 29.88
N VAL A 71 31.56 4.20 29.22
CA VAL A 71 30.48 3.23 29.29
C VAL A 71 30.19 2.65 27.91
N VAL A 72 29.21 1.74 27.85
CA VAL A 72 28.76 1.15 26.60
C VAL A 72 27.32 1.59 26.37
N ILE A 73 27.07 2.17 25.20
CA ILE A 73 25.74 2.61 24.79
C ILE A 73 25.23 1.55 23.82
N ARG A 74 24.07 0.97 24.11
CA ARG A 74 23.53 -0.06 23.23
C ARG A 74 22.11 0.29 22.81
N SER A 75 21.82 0.09 21.52
CA SER A 75 20.48 0.32 21.00
C SER A 75 20.08 -0.89 20.15
N THR A 76 18.92 -1.46 20.45
CA THR A 76 18.40 -2.60 19.71
C THR A 76 17.20 -2.14 18.89
N VAL A 77 17.25 -2.38 17.58
CA VAL A 77 16.22 -1.87 16.68
C VAL A 77 15.88 -2.93 15.65
N PRO A 78 14.65 -2.88 15.13
CA PRO A 78 14.27 -3.81 14.06
C PRO A 78 14.97 -3.45 12.75
N ASP A 79 15.10 -4.46 11.89
CA ASP A 79 15.82 -4.29 10.64
C ASP A 79 14.91 -4.02 9.46
N PHE A 80 13.79 -3.33 9.69
CA PHE A 80 12.97 -2.84 8.60
C PHE A 80 12.39 -1.51 9.04
N PRO A 81 12.37 -0.51 8.16
CA PRO A 81 11.82 0.80 8.54
C PRO A 81 10.35 0.70 8.90
N ALA A 82 9.94 1.54 9.85
CA ALA A 82 8.57 1.58 10.32
C ALA A 82 7.94 2.91 9.97
N PRO A 83 6.61 2.94 9.76
CA PRO A 83 5.96 4.22 9.42
C PRO A 83 6.08 5.22 10.55
N ARG A 84 6.17 6.49 10.18
CA ARG A 84 6.32 7.54 11.18
C ARG A 84 4.96 7.90 11.77
N GLY A 85 5.01 8.61 12.90
CA GLY A 85 3.80 9.01 13.59
C GLY A 85 3.71 8.44 14.98
N HIS A 86 2.49 8.34 15.51
CA HIS A 86 2.26 7.77 16.83
C HIS A 86 1.87 6.29 16.70
N ILE A 87 2.84 5.49 16.27
CA ILE A 87 2.63 4.05 16.08
C ILE A 87 2.45 3.39 17.44
N PRO A 88 1.85 2.20 17.52
CA PRO A 88 1.44 1.67 18.84
C PRO A 88 2.55 1.55 19.88
N ASN A 89 3.76 1.19 19.47
CA ASN A 89 4.86 0.94 20.40
C ASN A 89 6.07 1.79 20.06
N GLY A 90 5.84 3.08 19.84
CA GLY A 90 6.88 4.00 19.46
C GLY A 90 8.03 4.04 20.43
N PRO A 91 9.24 4.18 19.92
CA PRO A 91 10.43 4.12 20.78
C PRO A 91 10.84 5.46 21.37
N ASP A 92 10.44 6.57 20.74
CA ASP A 92 11.09 7.85 21.01
C ASP A 92 10.83 8.33 22.43
N LYS A 93 9.57 8.36 22.85
CA LYS A 93 9.19 8.78 24.21
C LYS A 93 8.24 7.74 24.79
N PRO A 94 8.74 6.56 25.12
CA PRO A 94 7.87 5.44 25.48
C PRO A 94 7.39 5.42 26.92
N PHE A 95 7.62 6.47 27.70
CA PHE A 95 7.18 6.51 29.09
C PHE A 95 6.08 7.53 29.33
N LEU A 96 5.42 7.98 28.27
CA LEU A 96 4.30 8.90 28.32
C LEU A 96 3.19 8.35 27.44
N PRO A 97 1.94 8.79 27.64
CA PRO A 97 0.80 8.07 27.04
C PRO A 97 0.83 7.96 25.53
N HIS A 98 1.58 8.82 24.83
CA HIS A 98 1.61 8.80 23.37
C HIS A 98 3.05 8.74 22.88
N PRO A 99 3.65 7.56 22.85
CA PRO A 99 4.96 7.40 22.22
C PRO A 99 4.85 7.60 20.72
N GLU A 100 6.01 7.72 20.08
CA GLU A 100 6.02 8.18 18.69
C GLU A 100 7.27 7.68 17.99
N ASN A 101 7.20 7.69 16.66
CA ASN A 101 8.34 7.43 15.80
C ASN A 101 8.68 8.70 15.04
N ALA A 102 9.94 9.10 15.07
CA ALA A 102 10.39 10.38 14.52
C ALA A 102 11.19 10.17 13.24
N ALA A 103 10.75 9.24 12.40
CA ALA A 103 11.44 8.93 11.16
C ALA A 103 10.81 9.70 10.00
N LEU A 104 11.35 9.48 8.80
CA LEU A 104 10.83 10.05 7.58
C LEU A 104 10.35 8.93 6.67
N CYS A 105 9.33 9.22 5.87
CA CYS A 105 8.81 8.22 4.93
C CYS A 105 9.79 8.05 3.79
N THR A 106 10.47 6.91 3.76
CA THR A 106 11.41 6.61 2.69
C THR A 106 10.66 5.98 1.52
N HIS A 107 11.39 5.50 0.52
CA HIS A 107 10.76 4.81 -0.60
C HIS A 107 10.38 3.37 -0.25
N LEU A 108 11.03 2.77 0.75
CA LEU A 108 10.67 1.42 1.15
C LEU A 108 9.34 1.39 1.88
N THR A 109 9.12 2.32 2.80
CA THR A 109 7.88 2.37 3.58
C THR A 109 6.79 3.18 2.89
N TRP A 110 6.87 3.34 1.58
CA TRP A 110 5.80 3.94 0.79
C TRP A 110 5.22 2.99 -0.23
N PHE A 111 6.06 2.21 -0.91
CA PHE A 111 5.61 1.24 -1.89
C PHE A 111 5.32 -0.13 -1.29
N SER A 112 5.65 -0.35 -0.02
CA SER A 112 5.47 -1.65 0.61
C SER A 112 4.03 -1.92 1.04
N PRO A 113 3.35 -0.98 1.72
CA PRO A 113 2.00 -1.30 2.23
C PRO A 113 1.00 -1.71 1.16
N CYS A 114 1.32 -1.54 -0.12
CA CYS A 114 0.42 -1.95 -1.18
C CYS A 114 0.42 -3.45 -1.43
N TYR A 115 1.35 -4.19 -0.83
CA TYR A 115 1.60 -5.58 -1.20
C TYR A 115 1.07 -6.53 -0.13
N VAL A 116 1.26 -7.83 -0.38
CA VAL A 116 0.75 -8.88 0.49
C VAL A 116 1.89 -9.61 1.18
N ALA A 117 2.98 -9.84 0.46
CA ALA A 117 4.09 -10.64 0.96
C ALA A 117 5.40 -9.87 0.86
N ARG A 118 6.25 -10.03 1.87
CA ARG A 118 7.56 -9.40 1.91
C ARG A 118 8.62 -10.41 2.34
N ARG A 119 9.75 -10.41 1.65
CA ARG A 119 10.88 -11.25 2.04
C ARG A 119 12.15 -10.69 1.44
N GLY A 120 13.26 -10.81 2.17
CA GLY A 120 14.54 -10.37 1.68
C GLY A 120 15.37 -9.62 2.71
N GLY A 121 16.65 -9.36 2.38
CA GLY A 121 17.53 -8.67 3.29
C GLY A 121 17.53 -7.16 3.09
N ILE A 122 18.11 -6.45 4.04
CA ILE A 122 18.12 -4.99 4.05
C ILE A 122 19.54 -4.49 4.28
N ARG A 123 19.91 -3.43 3.56
CA ARG A 123 21.21 -2.79 3.72
C ARG A 123 21.08 -1.54 4.58
N TRP A 124 21.98 -1.40 5.55
CA TRP A 124 21.99 -0.23 6.42
C TRP A 124 23.36 0.41 6.38
N LYS A 125 23.37 1.74 6.58
CA LYS A 125 24.61 2.51 6.72
C LYS A 125 24.44 3.43 7.90
N TYR A 126 25.35 3.32 8.87
CA TYR A 126 25.35 4.16 10.06
C TYR A 126 26.59 5.03 10.05
N LEU A 127 26.40 6.33 10.25
CA LEU A 127 27.48 7.30 10.28
C LEU A 127 27.46 8.01 11.63
N HIS A 128 28.60 8.06 12.30
CA HIS A 128 28.66 8.51 13.67
C HIS A 128 28.99 10.00 13.75
N PHE A 129 28.39 10.66 14.73
CA PHE A 129 28.72 12.05 15.04
C PHE A 129 28.36 12.30 16.49
N GLY A 130 28.85 13.42 17.02
CA GLY A 130 28.56 13.79 18.38
C GLY A 130 29.70 14.47 19.09
N ALA A 131 29.39 15.53 19.83
CA ALA A 131 30.37 16.32 20.57
C ALA A 131 30.25 15.99 22.04
N ARG A 132 31.02 16.72 22.86
CA ARG A 132 30.95 16.63 24.31
C ARG A 132 30.74 18.04 24.84
N PHE A 133 29.49 18.37 25.18
CA PHE A 133 29.18 19.69 25.70
C PHE A 133 29.90 19.90 27.02
N GLY A 134 30.51 21.08 27.18
CA GLY A 134 31.31 21.35 28.36
C GLY A 134 32.78 21.05 28.17
N ALA A 135 33.21 19.86 28.56
CA ALA A 135 34.62 19.48 28.45
C ALA A 135 35.09 19.55 27.00
N THR A 136 36.40 19.47 26.82
CA THR A 136 37.00 19.72 25.52
C THR A 136 36.53 18.74 24.45
N ASP A 137 36.91 17.47 24.60
CA ASP A 137 36.47 16.39 23.73
C ASP A 137 37.12 15.10 24.21
N ALA A 138 36.74 14.00 23.59
CA ALA A 138 37.34 12.71 23.82
C ALA A 138 37.47 11.98 22.49
N PRO A 139 38.46 11.12 22.33
CA PRO A 139 38.55 10.34 21.09
C PRO A 139 37.32 9.47 20.92
N LYS A 140 36.86 9.36 19.68
CA LYS A 140 35.74 8.47 19.38
C LYS A 140 36.12 7.04 19.72
N GLY A 141 35.20 6.33 20.34
CA GLY A 141 35.52 5.00 20.83
C GLY A 141 35.46 3.95 19.75
N LEU A 142 34.86 2.81 20.05
CA LEU A 142 34.71 1.72 19.11
C LEU A 142 33.24 1.48 18.82
N GLY A 143 32.95 1.03 17.60
CA GLY A 143 31.58 0.79 17.19
C GLY A 143 31.34 -0.60 16.65
N PHE A 144 30.29 -1.25 17.14
CA PHE A 144 29.96 -2.63 16.76
C PHE A 144 28.52 -2.70 16.28
N VAL A 145 28.27 -3.58 15.32
CA VAL A 145 26.92 -3.89 14.88
C VAL A 145 26.79 -5.40 14.84
N ASN A 146 25.79 -5.94 15.54
CA ASN A 146 25.67 -7.39 15.67
C ASN A 146 24.22 -7.84 15.58
N ARG A 147 24.01 -9.00 14.99
CA ARG A 147 22.69 -9.61 14.93
C ARG A 147 22.25 -10.08 16.30
N VAL A 148 20.94 -10.04 16.53
CA VAL A 148 20.33 -10.60 17.73
C VAL A 148 19.42 -11.74 17.27
N PRO A 149 19.78 -12.99 17.48
CA PRO A 149 18.99 -14.11 16.96
C PRO A 149 17.86 -14.49 17.91
N GLN A 150 16.95 -15.32 17.40
CA GLN A 150 15.76 -15.71 18.14
C GLN A 150 16.08 -16.78 19.16
N VAL A 151 15.60 -16.59 20.38
CA VAL A 151 15.64 -17.64 21.41
C VAL A 151 14.32 -17.67 22.14
N PRO A 152 13.92 -18.87 22.59
CA PRO A 152 12.67 -18.97 23.37
C PRO A 152 12.71 -18.24 24.69
N TYR A 153 13.88 -17.95 25.24
CA TYR A 153 13.96 -17.33 26.55
C TYR A 153 15.26 -16.55 26.66
N GLY A 154 15.16 -15.32 27.17
CA GLY A 154 16.31 -14.49 27.42
C GLY A 154 16.72 -13.57 26.28
N ARG A 155 15.86 -13.39 25.28
CA ARG A 155 16.21 -12.53 24.16
C ARG A 155 16.34 -11.08 24.60
N ARG A 156 17.13 -10.31 23.85
CA ARG A 156 17.38 -8.92 24.18
C ARG A 156 16.17 -8.07 23.81
N PRO A 157 15.56 -7.35 24.75
CA PRO A 157 14.39 -6.53 24.41
C PRO A 157 14.77 -5.30 23.62
N LEU A 158 13.81 -4.80 22.85
CA LEU A 158 14.00 -3.57 22.08
C LEU A 158 14.15 -2.37 23.02
N GLY A 159 15.06 -1.49 22.68
CA GLY A 159 15.27 -0.28 23.44
C GLY A 159 16.75 0.04 23.58
N ASN A 160 17.04 0.92 24.54
CA ASN A 160 18.38 1.42 24.78
C ASN A 160 18.85 1.02 26.17
N GLU A 161 20.15 0.83 26.32
CA GLU A 161 20.69 0.56 27.64
C GLU A 161 22.12 1.08 27.75
N ARG A 162 22.55 1.26 28.99
CA ARG A 162 23.82 1.91 29.32
C ARG A 162 24.54 1.00 30.30
N LEU A 163 25.65 0.40 29.85
CA LEU A 163 26.31 -0.52 30.75
C LEU A 163 27.64 0.02 31.22
N PRO A 164 27.93 -0.06 32.52
CA PRO A 164 29.23 0.35 33.04
C PRO A 164 30.24 -0.77 32.96
N LEU A 165 31.50 -0.38 32.76
CA LEU A 165 32.58 -1.37 32.65
C LEU A 165 33.84 -0.91 33.37
N THR A 166 33.70 -0.13 34.43
CA THR A 166 34.82 0.36 35.20
C THR A 166 34.63 0.00 36.67
N ASP A 167 35.75 -0.03 37.41
CA ASP A 167 35.72 -0.34 38.82
C ASP A 167 36.42 0.75 39.62
N VAL A 168 36.67 0.49 40.91
CA VAL A 168 37.34 1.48 41.74
C VAL A 168 38.77 1.72 41.26
N ASN A 169 39.44 0.66 40.82
CA ASN A 169 40.81 0.80 40.31
C ASN A 169 40.82 1.23 38.85
N GLY A 170 40.17 0.44 37.99
CA GLY A 170 40.12 0.76 36.58
C GLY A 170 39.22 -0.18 35.81
N PHE A 171 39.66 -0.61 34.63
CA PHE A 171 38.91 -1.58 33.87
C PHE A 171 38.88 -2.92 34.60
N ASN A 172 37.70 -3.54 34.62
CA ASN A 172 37.52 -4.83 35.29
C ASN A 172 36.96 -5.82 34.28
N PRO A 173 37.62 -6.97 34.06
CA PRO A 173 37.10 -7.94 33.08
C PRO A 173 35.77 -8.55 33.48
N THR A 174 35.43 -8.58 34.77
CA THR A 174 34.18 -9.21 35.19
C THR A 174 32.97 -8.49 34.60
N GLU A 175 32.88 -7.18 34.79
CA GLU A 175 31.78 -6.43 34.19
C GLU A 175 32.00 -6.13 32.72
N LEU A 176 33.20 -6.35 32.20
CA LEU A 176 33.42 -6.21 30.77
C LEU A 176 32.89 -7.40 29.99
N SER A 177 32.98 -8.60 30.57
CA SER A 177 32.50 -9.80 29.88
C SER A 177 30.99 -9.94 29.90
N GLN A 178 30.30 -9.27 30.82
CA GLN A 178 28.85 -9.35 30.89
C GLN A 178 28.18 -8.20 30.14
N ALA A 179 28.95 -7.39 29.42
CA ALA A 179 28.39 -6.38 28.53
C ALA A 179 28.36 -6.83 27.08
N PHE A 180 29.17 -7.81 26.70
CA PHE A 180 29.22 -8.33 25.35
C PHE A 180 28.85 -9.80 25.36
N SER A 181 27.93 -10.19 24.49
CA SER A 181 27.47 -11.57 24.44
C SER A 181 28.48 -12.40 23.66
N ASN A 182 28.13 -13.65 23.35
CA ASN A 182 29.04 -14.54 22.65
C ASN A 182 29.44 -14.01 21.29
N GLU A 183 28.56 -13.22 20.66
CA GLU A 183 28.85 -12.56 19.40
C GLU A 183 29.05 -13.59 18.28
N ASN A 184 28.28 -14.66 18.32
CA ASN A 184 28.43 -15.78 17.40
C ASN A 184 27.60 -15.62 16.13
N GLY A 185 26.46 -14.93 16.20
CA GLY A 185 25.61 -14.81 15.03
C GLY A 185 26.25 -14.05 13.88
N GLY A 186 27.07 -13.07 14.20
CA GLY A 186 27.74 -12.24 13.21
C GLY A 186 27.92 -10.86 13.82
N VAL A 187 29.02 -10.22 13.46
CA VAL A 187 29.33 -8.90 13.99
C VAL A 187 30.24 -8.17 13.02
N TYR A 188 30.14 -6.84 13.01
CA TYR A 188 31.12 -5.99 12.38
C TYR A 188 31.59 -4.97 13.41
N ALA A 189 32.90 -4.90 13.61
CA ALA A 189 33.50 -4.02 14.60
C ALA A 189 34.49 -3.09 13.92
N THR A 190 34.58 -1.86 14.44
CA THR A 190 35.50 -0.90 13.85
C THR A 190 35.87 0.16 14.88
N ASP A 191 36.93 0.89 14.57
CA ASP A 191 37.36 2.04 15.36
C ASP A 191 36.86 3.30 14.69
N LEU A 192 36.18 4.15 15.46
CA LEU A 192 35.56 5.33 14.86
C LEU A 192 36.54 6.46 14.61
N ASP A 193 37.77 6.36 15.11
CA ASP A 193 38.75 7.41 14.85
C ASP A 193 39.28 7.36 13.43
N VAL A 194 39.46 6.17 12.86
CA VAL A 194 40.00 6.03 11.53
C VAL A 194 38.96 5.60 10.50
N GLN A 195 37.78 5.19 10.93
CA GLN A 195 36.73 4.77 10.01
C GLN A 195 35.38 4.98 10.70
N PRO A 196 34.80 6.17 10.60
CA PRO A 196 33.56 6.44 11.33
C PRO A 196 32.28 6.09 10.56
N ALA A 197 32.21 4.89 9.99
CA ALA A 197 31.02 4.50 9.25
C ALA A 197 30.93 2.99 9.21
N ILE A 198 29.70 2.48 9.26
CA ILE A 198 29.44 1.05 9.22
C ILE A 198 28.41 0.78 8.14
N GLU A 199 28.77 -0.08 7.17
CA GLU A 199 27.87 -0.51 6.12
C GLU A 199 27.62 -1.99 6.27
N VAL A 200 26.38 -2.39 6.54
CA VAL A 200 26.06 -3.77 6.85
C VAL A 200 24.87 -4.24 6.02
N GLU A 201 24.80 -5.55 5.86
CA GLU A 201 23.69 -6.25 5.22
C GLU A 201 23.08 -7.24 6.18
N LEU A 202 21.76 -7.29 6.25
CA LEU A 202 21.05 -8.17 7.18
C LEU A 202 20.15 -9.10 6.39
N PRO A 203 20.35 -10.42 6.46
CA PRO A 203 19.50 -11.35 5.70
C PRO A 203 18.16 -11.61 6.38
N PHE A 204 17.34 -12.49 5.80
CA PHE A 204 15.97 -12.68 6.29
C PHE A 204 15.91 -13.62 7.49
N TYR A 205 16.29 -14.89 7.29
CA TYR A 205 16.42 -15.85 8.38
C TYR A 205 15.13 -16.00 9.20
N SER A 206 14.10 -16.51 8.53
CA SER A 206 12.85 -16.82 9.20
C SER A 206 12.37 -18.21 8.83
N SER A 207 11.60 -18.83 9.73
CA SER A 207 11.08 -20.17 9.52
C SER A 207 9.79 -20.18 8.71
N LEU A 208 9.13 -19.05 8.54
CA LEU A 208 7.93 -18.93 7.74
C LEU A 208 8.20 -18.03 6.53
N ARG A 209 7.48 -18.30 5.43
CA ARG A 209 7.93 -17.85 4.13
C ARG A 209 8.03 -16.32 4.03
N PHE A 210 7.04 -15.61 4.56
CA PHE A 210 7.03 -14.17 4.40
C PHE A 210 6.29 -13.52 5.56
N VAL A 211 6.43 -12.20 5.66
CA VAL A 211 5.79 -11.41 6.68
C VAL A 211 4.86 -10.41 6.01
N ASN A 212 4.01 -9.77 6.82
CA ASN A 212 2.95 -8.92 6.30
C ASN A 212 3.44 -7.48 6.21
N PRO A 213 3.55 -6.90 5.00
CA PRO A 213 4.07 -5.54 4.89
C PRO A 213 3.20 -4.48 5.53
N ARG A 214 1.91 -4.73 5.72
CA ARG A 214 0.99 -3.73 6.26
C ARG A 214 1.02 -3.62 7.76
N TRP A 215 2.05 -4.14 8.41
CA TRP A 215 2.17 -4.02 9.85
C TRP A 215 2.45 -2.57 10.24
N ASP A 216 1.96 -2.18 11.42
CA ASP A 216 2.23 -0.84 11.93
C ASP A 216 2.64 -0.82 13.39
N ASP A 217 2.53 -1.92 14.12
CA ASP A 217 3.03 -1.97 15.50
C ASP A 217 4.54 -2.18 15.49
N TYR A 218 5.23 -1.47 16.37
CA TYR A 218 6.69 -1.53 16.39
C TYR A 218 7.17 -2.93 16.75
N GLU A 219 6.57 -3.55 17.76
CA GLU A 219 7.06 -4.84 18.21
C GLU A 219 6.79 -5.95 17.19
N LYS A 220 5.69 -5.86 16.45
CA LYS A 220 5.40 -6.86 15.45
C LYS A 220 6.45 -6.87 14.35
N ILE A 221 6.90 -5.69 13.92
CA ILE A 221 8.05 -5.63 13.02
C ILE A 221 9.31 -6.09 13.73
N GLY A 222 9.44 -5.78 15.02
CA GLY A 222 10.67 -6.01 15.74
C GLY A 222 10.92 -7.42 16.20
N ILE A 223 10.43 -8.43 15.47
CA ILE A 223 10.82 -9.80 15.74
C ILE A 223 12.12 -10.16 15.04
N HIS A 224 12.58 -9.33 14.12
CA HIS A 224 13.91 -9.43 13.53
C HIS A 224 14.69 -8.22 13.99
N ARG A 225 15.60 -8.42 14.95
CA ARG A 225 16.29 -7.33 15.60
C ARG A 225 17.75 -7.28 15.17
N HIS A 226 18.40 -6.16 15.50
CA HIS A 226 19.85 -6.07 15.45
C HIS A 226 20.27 -4.94 16.39
N SER A 227 21.53 -4.98 16.80
CA SER A 227 21.99 -4.09 17.85
C SER A 227 23.20 -3.29 17.39
N ILE A 228 23.23 -2.03 17.81
CA ILE A 228 24.36 -1.14 17.58
C ILE A 228 24.95 -0.76 18.93
N ASP A 229 26.26 -0.97 19.08
CA ASP A 229 26.98 -0.77 20.33
C ASP A 229 28.07 0.26 20.12
N LEU A 230 28.24 1.15 21.11
CA LEU A 230 29.25 2.18 21.06
C LEU A 230 29.96 2.26 22.40
N LEU A 231 31.29 2.30 22.36
CA LEU A 231 32.11 2.40 23.57
C LEU A 231 32.57 3.84 23.69
N SER A 232 32.20 4.51 24.78
CA SER A 232 32.50 5.94 24.88
C SER A 232 33.23 6.28 26.17
N TYR A 233 33.98 7.37 26.12
CA TYR A 233 34.77 7.86 27.25
C TYR A 233 34.22 9.20 27.72
N ARG A 234 34.27 9.41 29.03
CA ARG A 234 33.94 10.69 29.65
C ARG A 234 32.54 11.17 29.27
N THR A 235 31.57 10.29 29.48
CA THR A 235 30.18 10.60 29.16
C THR A 235 29.48 11.23 30.37
N ASN A 236 28.19 11.49 30.21
CA ASN A 236 27.37 12.05 31.27
C ASN A 236 26.12 11.20 31.45
N GLY A 237 25.71 11.02 32.70
CA GLY A 237 24.53 10.24 33.02
C GLY A 237 23.23 11.00 33.02
N ALA A 238 23.24 12.28 32.64
CA ALA A 238 22.03 13.09 32.61
C ALA A 238 21.84 13.81 31.29
N LYS A 239 22.65 13.51 30.27
CA LYS A 239 22.52 14.14 28.96
C LYS A 239 23.14 13.23 27.93
N CYS A 240 22.54 13.18 26.73
CA CYS A 240 23.01 12.32 25.65
C CYS A 240 23.62 13.18 24.56
N GLU A 241 24.92 12.97 24.30
CA GLU A 241 25.61 13.62 23.19
C GLU A 241 26.35 12.55 22.40
N ASP A 242 25.60 11.86 21.53
CA ASP A 242 26.03 10.76 20.69
C ASP A 242 24.87 10.41 19.79
N ALA A 243 25.17 10.01 18.55
CA ALA A 243 24.11 9.64 17.63
C ALA A 243 24.68 8.83 16.48
N TRP A 244 23.78 8.30 15.68
CA TRP A 244 24.12 7.65 14.42
C TRP A 244 23.16 8.18 13.36
N MET A 245 23.57 8.06 12.11
CA MET A 245 22.80 8.55 10.97
C MET A 245 22.45 7.36 10.09
N ALA A 246 21.17 7.01 10.06
CA ALA A 246 20.72 5.78 9.42
C ALA A 246 20.35 6.02 7.96
N TYR A 247 20.89 5.18 7.08
CA TYR A 247 20.56 5.21 5.65
C TYR A 247 20.18 3.80 5.26
N VAL A 248 18.96 3.62 4.73
CA VAL A 248 18.43 2.29 4.46
C VAL A 248 18.24 2.10 2.97
N ALA A 249 18.63 0.93 2.47
CA ALA A 249 18.38 0.55 1.09
C ALA A 249 17.75 -0.84 1.04
N ALA A 250 17.66 -1.43 -0.13
CA ALA A 250 17.08 -2.75 -0.31
C ALA A 250 18.15 -3.74 -0.76
N GLY A 251 18.17 -4.91 -0.15
CA GLY A 251 19.17 -5.90 -0.46
C GLY A 251 18.98 -6.51 -1.82
N ASP A 252 19.84 -7.47 -2.14
CA ASP A 252 19.82 -8.07 -3.47
C ASP A 252 18.66 -9.03 -3.65
N ASP A 253 18.18 -9.66 -2.58
CA ASP A 253 17.09 -10.62 -2.66
C ASP A 253 15.75 -10.05 -2.23
N PHE A 254 15.67 -8.74 -2.04
CA PHE A 254 14.41 -8.12 -1.64
C PHE A 254 13.32 -8.41 -2.66
N ASN A 255 12.13 -8.73 -2.17
CA ASN A 255 11.05 -9.18 -3.04
C ASN A 255 9.70 -8.79 -2.46
N LEU A 256 8.83 -8.28 -3.31
CA LEU A 256 7.42 -8.06 -2.99
C LEU A 256 6.60 -8.75 -4.06
N SER A 257 5.53 -9.43 -3.66
CA SER A 257 4.96 -10.49 -4.48
C SER A 257 3.58 -10.22 -5.04
N TRP A 258 2.66 -9.65 -4.26
CA TRP A 258 1.28 -9.49 -4.73
C TRP A 258 0.80 -8.08 -4.43
N MET A 259 0.53 -7.30 -5.48
CA MET A 259 0.01 -5.95 -5.32
C MET A 259 -1.50 -6.01 -5.11
N LEU A 260 -1.96 -5.61 -3.93
CA LEU A 260 -3.38 -5.68 -3.62
C LEU A 260 -4.10 -4.37 -3.93
N SER A 261 -3.72 -3.28 -3.26
CA SER A 261 -4.37 -2.00 -3.43
C SER A 261 -3.58 -0.95 -2.68
N CYS A 262 -3.73 0.30 -3.10
CA CYS A 262 -3.01 1.41 -2.49
C CYS A 262 -3.75 1.89 -1.24
N PRO A 263 -3.12 1.87 -0.07
CA PRO A 263 -3.82 2.23 1.16
C PRO A 263 -3.98 3.74 1.27
N PRO A 264 -4.76 4.21 2.24
CA PRO A 264 -4.83 5.65 2.49
C PRO A 264 -3.60 6.16 3.21
N PHE A 265 -3.47 7.48 3.23
CA PHE A 265 -2.37 8.15 3.92
C PHE A 265 -2.88 9.48 4.44
N ARG A 266 -1.96 10.29 4.96
CA ARG A 266 -2.28 11.63 5.44
C ARG A 266 -0.97 12.37 5.68
N LEU A 267 -1.09 13.63 6.09
CA LEU A 267 0.06 14.49 6.36
C LEU A 267 0.19 14.65 7.87
N VAL A 268 1.32 14.23 8.42
CA VAL A 268 1.55 14.21 9.86
C VAL A 268 2.81 14.99 10.17
N ASN A 269 2.70 15.93 11.12
CA ASN A 269 3.83 16.70 11.60
C ASN A 269 4.00 16.44 13.08
N LEU A 270 5.23 16.08 13.48
CA LEU A 270 5.49 15.66 14.85
C LEU A 270 5.54 16.85 15.78
N ASN B 55 -16.35 -36.46 -6.65
CA ASN B 55 -16.19 -36.76 -5.24
C ASN B 55 -17.35 -36.20 -4.43
N PHE B 56 -17.06 -35.80 -3.20
CA PHE B 56 -18.07 -35.29 -2.28
C PHE B 56 -17.81 -33.87 -1.83
N LEU B 57 -16.55 -33.42 -1.84
CA LEU B 57 -16.24 -32.05 -1.47
C LEU B 57 -16.34 -31.08 -2.64
N SER B 58 -16.64 -31.57 -3.84
CA SER B 58 -16.80 -30.72 -5.02
C SER B 58 -18.26 -30.40 -5.30
N ARG B 59 -19.10 -30.40 -4.27
CA ARG B 59 -20.52 -30.09 -4.39
C ARG B 59 -20.79 -28.68 -3.91
N PRO B 60 -21.43 -27.84 -4.73
CA PRO B 60 -21.69 -26.46 -4.30
C PRO B 60 -22.55 -26.43 -3.04
N VAL B 61 -22.21 -25.48 -2.15
CA VAL B 61 -22.88 -25.34 -0.86
C VAL B 61 -23.18 -23.87 -0.63
N ARG B 62 -24.43 -23.57 -0.26
CA ARG B 62 -24.81 -22.20 0.02
C ARG B 62 -24.13 -21.72 1.30
N ILE B 63 -23.47 -20.56 1.23
CA ILE B 63 -22.77 -20.02 2.38
C ILE B 63 -23.30 -18.67 2.84
N MET B 64 -23.97 -17.90 1.98
CA MET B 64 -24.58 -16.66 2.44
C MET B 64 -25.74 -16.29 1.53
N ARG B 65 -26.77 -15.70 2.13
CA ARG B 65 -27.95 -15.23 1.41
C ARG B 65 -28.39 -13.91 2.02
N GLU B 66 -28.55 -12.89 1.18
CA GLU B 66 -28.87 -11.55 1.65
C GLU B 66 -30.10 -11.02 0.94
N SER B 67 -30.88 -10.23 1.66
CA SER B 67 -32.07 -9.57 1.12
C SER B 67 -31.80 -8.08 1.05
N ILE B 68 -32.02 -7.49 -0.13
CA ILE B 68 -31.61 -6.13 -0.42
C ILE B 68 -32.84 -5.25 -0.50
N SER B 69 -32.86 -4.17 0.29
CA SER B 69 -33.99 -3.26 0.35
C SER B 69 -33.86 -2.20 -0.74
N LEU B 70 -34.74 -1.20 -0.70
CA LEU B 70 -34.75 -0.12 -1.68
C LEU B 70 -34.12 1.13 -1.07
N ASP B 71 -33.21 1.75 -1.82
CA ASP B 71 -32.57 3.01 -1.43
C ASP B 71 -31.83 2.87 -0.10
N GLU B 72 -30.81 2.02 -0.11
CA GLU B 72 -30.00 1.77 1.07
C GLU B 72 -28.53 1.63 0.67
N ARG B 73 -27.65 2.19 1.50
CA ARG B 73 -26.21 1.99 1.37
C ARG B 73 -25.77 1.15 2.56
N THR B 74 -25.37 -0.09 2.31
CA THR B 74 -25.00 -1.02 3.37
C THR B 74 -23.74 -1.77 2.96
N SER B 75 -23.06 -2.34 3.96
CA SER B 75 -21.87 -3.15 3.74
C SER B 75 -21.84 -4.28 4.74
N THR B 76 -21.76 -5.52 4.25
CA THR B 76 -21.66 -6.69 5.10
C THR B 76 -20.38 -7.44 4.77
N THR B 77 -19.99 -8.34 5.67
CA THR B 77 -18.74 -9.08 5.51
C THR B 77 -18.83 -10.41 6.22
N ILE B 78 -18.18 -11.42 5.63
CA ILE B 78 -18.09 -12.76 6.21
C ILE B 78 -16.69 -13.31 5.96
N ALA B 79 -16.42 -14.48 6.52
CA ALA B 79 -15.18 -15.22 6.28
C ALA B 79 -15.52 -16.56 5.64
N PRO B 80 -15.35 -16.71 4.33
CA PRO B 80 -15.85 -17.91 3.66
C PRO B 80 -15.12 -19.19 4.03
N TRP B 81 -13.83 -19.10 4.38
CA TRP B 81 -13.03 -20.31 4.56
C TRP B 81 -13.53 -21.18 5.71
N ASP B 82 -13.92 -20.57 6.83
CA ASP B 82 -14.42 -21.35 7.95
C ASP B 82 -15.93 -21.52 7.92
N VAL B 83 -16.67 -20.60 7.28
CA VAL B 83 -18.09 -20.82 7.09
C VAL B 83 -18.33 -22.07 6.25
N TYR B 84 -17.54 -22.25 5.19
CA TYR B 84 -17.66 -23.45 4.38
C TYR B 84 -17.25 -24.69 5.16
N LEU B 85 -16.15 -24.60 5.91
CA LEU B 85 -15.61 -25.76 6.60
C LEU B 85 -16.46 -26.21 7.79
N ARG B 86 -17.36 -25.37 8.28
CA ARG B 86 -18.21 -25.72 9.40
C ARG B 86 -19.59 -26.19 8.97
N HIS B 87 -19.83 -26.32 7.68
CA HIS B 87 -21.10 -26.85 7.21
C HIS B 87 -21.23 -28.31 7.63
N PRO B 88 -22.35 -28.70 8.25
CA PRO B 88 -22.46 -30.08 8.75
C PRO B 88 -22.32 -31.14 7.68
N MET B 89 -22.63 -30.83 6.43
CA MET B 89 -22.38 -31.78 5.35
C MET B 89 -20.89 -31.91 5.06
N ILE B 90 -20.08 -30.92 5.44
CA ILE B 90 -18.66 -30.92 5.14
C ILE B 90 -17.88 -31.30 6.39
N ASN B 91 -18.40 -30.92 7.56
CA ASN B 91 -17.70 -31.13 8.82
C ASN B 91 -17.56 -32.60 9.19
N LYS B 92 -18.05 -33.52 8.36
CA LYS B 92 -17.89 -34.94 8.61
C LYS B 92 -16.95 -35.65 7.65
N LYS B 93 -16.73 -35.09 6.47
CA LYS B 93 -15.78 -35.65 5.52
C LYS B 93 -14.36 -35.17 5.75
N ILE B 94 -14.14 -34.31 6.75
CA ILE B 94 -12.80 -33.89 7.15
C ILE B 94 -12.63 -34.24 8.62
N ALA B 95 -13.29 -35.32 9.05
CA ALA B 95 -13.40 -35.61 10.47
C ALA B 95 -12.07 -36.07 11.07
N ASN B 96 -11.31 -36.87 10.34
CA ASN B 96 -10.14 -37.52 10.90
C ASN B 96 -8.85 -37.13 10.20
N TYR B 97 -8.66 -35.84 9.98
CA TYR B 97 -7.40 -35.30 9.49
C TYR B 97 -6.98 -34.12 10.35
N GLU B 98 -5.81 -33.54 10.02
CA GLU B 98 -5.27 -32.48 10.85
C GLU B 98 -4.91 -31.25 10.01
N TYR B 99 -4.56 -31.45 8.75
CA TYR B 99 -4.14 -30.34 7.90
C TYR B 99 -4.86 -30.42 6.55
N LEU B 100 -5.13 -29.25 5.99
CA LEU B 100 -5.88 -29.12 4.75
C LEU B 100 -5.19 -28.14 3.81
N ARG B 101 -5.41 -28.31 2.51
CA ARG B 101 -4.80 -27.44 1.50
C ARG B 101 -5.62 -27.53 0.22
N ALA B 102 -6.30 -26.46 -0.15
CA ALA B 102 -7.18 -26.46 -1.31
C ALA B 102 -7.45 -25.03 -1.74
N ASN B 103 -8.22 -24.88 -2.82
CA ASN B 103 -8.62 -23.58 -3.34
C ASN B 103 -10.13 -23.46 -3.33
N LEU B 104 -10.64 -22.39 -2.74
CA LEU B 104 -12.08 -22.12 -2.80
C LEU B 104 -12.47 -21.62 -4.19
N VAL B 105 -13.72 -21.87 -4.56
CA VAL B 105 -14.27 -21.44 -5.84
C VAL B 105 -15.66 -20.88 -5.56
N LEU B 106 -15.77 -19.55 -5.49
CA LEU B 106 -17.05 -18.92 -5.20
C LEU B 106 -17.81 -18.65 -6.50
N GLU B 107 -19.14 -18.54 -6.37
CA GLU B 107 -20.01 -18.26 -7.51
C GLU B 107 -21.24 -17.53 -7.02
N VAL B 108 -21.55 -16.39 -7.63
CA VAL B 108 -22.63 -15.52 -7.18
C VAL B 108 -23.80 -15.65 -8.14
N VAL B 109 -25.00 -15.78 -7.60
CA VAL B 109 -26.23 -15.88 -8.38
C VAL B 109 -27.16 -14.74 -7.97
N VAL B 110 -27.61 -13.97 -8.96
CA VAL B 110 -28.39 -12.76 -8.74
C VAL B 110 -29.83 -13.03 -9.18
N ASN B 111 -30.78 -12.57 -8.37
CA ASN B 111 -32.21 -12.67 -8.69
C ASN B 111 -32.80 -11.26 -8.71
N GLY B 112 -32.96 -10.71 -9.91
CA GLY B 112 -33.55 -9.39 -10.09
C GLY B 112 -34.14 -9.23 -11.48
N GLY B 113 -35.34 -8.66 -11.56
CA GLY B 113 -36.01 -8.53 -12.82
C GLY B 113 -35.49 -7.38 -13.64
N PRO B 114 -36.07 -7.18 -14.83
CA PRO B 114 -35.66 -6.09 -15.69
C PRO B 114 -36.24 -4.74 -15.30
N PHE B 115 -37.03 -4.68 -14.24
CA PHE B 115 -37.59 -3.43 -13.74
C PHE B 115 -36.72 -2.79 -12.67
N PHE B 116 -35.61 -3.42 -12.31
CA PHE B 116 -34.69 -2.90 -11.31
C PHE B 116 -33.45 -2.32 -11.99
N TYR B 117 -32.83 -1.34 -11.35
CA TYR B 117 -31.50 -0.88 -11.74
C TYR B 117 -30.71 -0.50 -10.50
N GLY B 118 -29.54 -1.10 -10.35
CA GLY B 118 -28.69 -0.88 -9.19
C GLY B 118 -27.37 -1.57 -9.41
N LYS B 119 -26.47 -1.39 -8.45
CA LYS B 119 -25.13 -1.93 -8.56
C LYS B 119 -24.59 -2.34 -7.20
N MET B 120 -23.86 -3.45 -7.17
CA MET B 120 -23.24 -3.93 -5.94
C MET B 120 -21.84 -4.43 -6.27
N LEU B 121 -21.01 -4.50 -5.25
CA LEU B 121 -19.62 -4.93 -5.41
C LEU B 121 -19.29 -5.94 -4.33
N LEU B 122 -18.71 -7.07 -4.73
CA LEU B 122 -18.29 -8.11 -3.79
C LEU B 122 -16.79 -8.32 -3.94
N GLY B 123 -16.02 -7.90 -2.94
CA GLY B 123 -14.58 -8.00 -2.97
C GLY B 123 -14.02 -8.96 -1.95
N TYR B 124 -12.80 -9.42 -2.15
CA TYR B 124 -12.18 -10.44 -1.31
C TYR B 124 -10.80 -9.99 -0.89
N THR B 125 -10.53 -10.03 0.42
CA THR B 125 -9.22 -9.65 0.94
C THR B 125 -8.47 -10.88 1.44
N PRO B 126 -7.20 -11.03 1.04
CA PRO B 126 -6.45 -12.24 1.37
C PRO B 126 -5.91 -12.27 2.79
N PHE B 127 -5.07 -13.27 3.06
CA PHE B 127 -4.51 -13.49 4.39
C PHE B 127 -3.76 -12.26 4.89
N GLY B 128 -4.00 -11.91 6.15
CA GLY B 128 -3.37 -10.76 6.76
C GLY B 128 -4.26 -9.57 7.01
N TYR B 129 -5.57 -9.70 6.79
CA TYR B 129 -6.47 -8.56 6.98
C TYR B 129 -6.79 -8.30 8.44
N GLU B 130 -6.50 -9.23 9.35
CA GLU B 130 -6.87 -9.05 10.74
C GLU B 130 -6.16 -7.87 11.38
N ASP B 131 -4.92 -7.59 10.97
CA ASP B 131 -4.19 -6.47 11.54
C ASP B 131 -4.89 -5.15 11.22
N SER B 132 -5.16 -4.91 9.94
CA SER B 132 -5.84 -3.69 9.51
C SER B 132 -7.32 -3.99 9.24
N LEU B 133 -8.04 -4.27 10.32
CA LEU B 133 -9.48 -4.51 10.23
C LEU B 133 -10.29 -3.57 11.12
N LYS B 134 -9.84 -3.31 12.34
CA LYS B 134 -10.53 -2.37 13.20
C LYS B 134 -10.53 -0.97 12.61
N ASN B 135 -9.59 -0.66 11.74
CA ASN B 135 -9.52 0.63 11.06
C ASN B 135 -10.32 0.66 9.76
N PHE B 136 -10.31 -0.44 9.00
CA PHE B 136 -11.03 -0.50 7.74
C PHE B 136 -12.54 -0.45 7.93
N ASN B 137 -13.04 -0.67 9.13
CA ASN B 137 -14.46 -0.55 9.41
C ASN B 137 -14.85 0.88 9.79
N ARG B 138 -13.91 1.81 9.75
CA ARG B 138 -14.20 3.22 10.01
C ARG B 138 -14.27 4.06 8.75
N ILE B 139 -13.71 3.57 7.64
CA ILE B 139 -13.76 4.28 6.36
C ILE B 139 -15.19 4.25 5.82
N PRO B 140 -15.72 5.35 5.28
CA PRO B 140 -17.06 5.31 4.71
C PRO B 140 -17.13 4.43 3.47
N ILE B 141 -18.35 4.00 3.15
CA ILE B 141 -18.56 2.98 2.13
C ILE B 141 -18.04 3.43 0.77
N GLY B 142 -18.33 4.68 0.40
CA GLY B 142 -17.91 5.17 -0.90
C GLY B 142 -16.41 5.12 -1.09
N HIS B 143 -15.65 5.44 -0.04
CA HIS B 143 -14.21 5.35 -0.13
C HIS B 143 -13.74 3.90 -0.04
N GLN B 144 -14.48 3.04 0.66
CA GLN B 144 -14.13 1.63 0.68
C GLN B 144 -14.22 1.02 -0.72
N ASN B 145 -15.22 1.43 -1.50
CA ASN B 145 -15.35 0.88 -2.84
C ASN B 145 -14.15 1.23 -3.71
N THR B 146 -13.47 2.34 -3.41
CA THR B 146 -12.29 2.73 -4.20
C THR B 146 -11.19 1.68 -4.08
N MET B 147 -10.93 1.23 -2.85
CA MET B 147 -9.92 0.19 -2.66
C MET B 147 -10.45 -1.18 -3.09
N LEU B 148 -11.73 -1.45 -2.79
CA LEU B 148 -12.30 -2.76 -3.05
C LEU B 148 -12.36 -3.07 -4.53
N SER B 149 -12.37 -2.06 -5.40
CA SER B 149 -12.47 -2.27 -6.83
C SER B 149 -11.14 -2.59 -7.49
N GLN B 150 -10.05 -2.63 -6.72
CA GLN B 150 -8.75 -3.04 -7.24
C GLN B 150 -8.40 -4.48 -6.90
N GLN B 151 -8.92 -5.00 -5.80
CA GLN B 151 -8.74 -6.38 -5.40
C GLN B 151 -9.61 -7.31 -6.25
N PRO B 152 -9.31 -8.60 -6.27
CA PRO B 152 -10.18 -9.54 -7.00
C PRO B 152 -11.61 -9.46 -6.48
N HIS B 153 -12.55 -9.26 -7.39
CA HIS B 153 -13.91 -8.90 -7.01
C HIS B 153 -14.86 -9.33 -8.12
N VAL B 154 -16.15 -9.21 -7.82
CA VAL B 154 -17.20 -9.46 -8.80
C VAL B 154 -18.23 -8.35 -8.70
N LYS B 155 -18.75 -7.93 -9.84
CA LYS B 155 -19.68 -6.81 -9.95
C LYS B 155 -21.08 -7.34 -10.17
N ILE B 156 -22.03 -6.86 -9.36
CA ILE B 156 -23.40 -7.35 -9.36
C ILE B 156 -24.28 -6.28 -9.99
N ASP B 157 -24.89 -6.62 -11.12
CA ASP B 157 -25.80 -5.72 -11.84
C ASP B 157 -27.20 -6.28 -11.75
N PHE B 158 -28.14 -5.47 -11.26
CA PHE B 158 -29.47 -5.98 -11.00
C PHE B 158 -30.33 -6.00 -12.25
N CYS B 159 -30.17 -5.02 -13.15
CA CYS B 159 -30.98 -4.97 -14.35
C CYS B 159 -30.74 -6.19 -15.23
N GLU B 160 -29.48 -6.50 -15.50
CA GLU B 160 -29.15 -7.62 -16.37
C GLU B 160 -29.13 -8.95 -15.63
N SER B 161 -29.27 -8.95 -14.31
CA SER B 161 -29.24 -10.16 -13.50
C SER B 161 -28.00 -10.99 -13.81
N THR B 162 -26.84 -10.38 -13.58
CA THR B 162 -25.58 -11.01 -13.90
C THR B 162 -24.68 -11.04 -12.68
N GLY B 163 -23.85 -12.07 -12.60
CA GLY B 163 -22.90 -12.23 -11.51
C GLY B 163 -21.57 -12.72 -12.03
N GLY B 164 -21.05 -13.78 -11.43
CA GLY B 164 -19.84 -14.37 -11.92
C GLY B 164 -19.33 -15.47 -11.00
N VAL B 165 -18.09 -15.88 -11.27
CA VAL B 165 -17.38 -16.86 -10.46
C VAL B 165 -16.03 -16.25 -10.11
N LEU B 166 -15.42 -16.79 -9.05
CA LEU B 166 -14.20 -16.22 -8.50
C LEU B 166 -13.36 -17.33 -7.91
N HIS B 167 -12.14 -17.49 -8.41
CA HIS B 167 -11.24 -18.53 -7.94
C HIS B 167 -10.31 -17.94 -6.88
N LEU B 168 -10.40 -18.45 -5.66
CA LEU B 168 -9.57 -17.98 -4.56
C LEU B 168 -8.32 -18.85 -4.46
N PRO B 169 -7.13 -18.26 -4.51
CA PRO B 169 -5.91 -19.07 -4.39
C PRO B 169 -5.56 -19.32 -2.93
N PHE B 170 -4.70 -20.31 -2.72
CA PHE B 170 -4.22 -20.66 -1.39
C PHE B 170 -2.92 -19.90 -1.13
N VAL B 171 -3.01 -18.85 -0.32
CA VAL B 171 -1.86 -18.01 0.02
C VAL B 171 -1.72 -18.03 1.53
N TYR B 172 -0.62 -18.58 2.02
CA TYR B 172 -0.40 -18.74 3.45
C TYR B 172 1.10 -18.81 3.71
N ASN B 173 1.54 -18.21 4.81
CA ASN B 173 2.97 -18.24 5.13
C ASN B 173 3.41 -19.60 5.67
N ARG B 174 2.53 -20.30 6.37
CA ARG B 174 2.81 -21.66 6.80
C ARG B 174 2.64 -22.61 5.62
N ASN B 175 2.69 -23.91 5.87
CA ASN B 175 2.61 -24.91 4.83
C ASN B 175 1.23 -25.50 4.65
N TYR B 176 0.49 -25.70 5.75
CA TYR B 176 -0.85 -26.26 5.70
C TYR B 176 -1.75 -25.45 6.64
N MET B 177 -3.03 -25.75 6.58
CA MET B 177 -4.03 -25.12 7.45
C MET B 177 -4.50 -26.14 8.48
N ARG B 178 -4.55 -25.72 9.74
CA ARG B 178 -4.88 -26.62 10.84
C ARG B 178 -6.36 -26.52 11.15
N ILE B 179 -7.02 -27.68 11.22
CA ILE B 179 -8.46 -27.76 11.49
C ILE B 179 -8.67 -28.76 12.62
N SER B 180 -8.65 -28.27 13.86
CA SER B 180 -8.93 -29.16 14.99
C SER B 180 -9.36 -28.33 16.20
N GLU B 181 -10.68 -28.28 16.44
CA GLU B 181 -11.26 -27.94 17.74
C GLU B 181 -10.61 -26.73 18.39
N GLY B 182 -10.73 -25.56 17.78
CA GLY B 182 -10.17 -24.33 18.32
C GLY B 182 -9.17 -23.66 17.40
N SER B 183 -8.76 -24.31 16.32
CA SER B 183 -7.84 -23.71 15.37
C SER B 183 -8.46 -22.49 14.72
N GLY B 184 -7.94 -21.30 15.03
CA GLY B 184 -8.45 -20.09 14.44
C GLY B 184 -7.90 -19.77 13.07
N GLU B 185 -7.03 -20.62 12.55
CA GLU B 185 -6.43 -20.36 11.24
C GLU B 185 -7.44 -20.24 10.11
N PRO B 186 -8.45 -21.12 9.98
CA PRO B 186 -9.41 -20.94 8.87
C PRO B 186 -10.12 -19.60 8.88
N ALA B 187 -10.45 -19.08 10.07
CA ALA B 187 -11.13 -17.79 10.14
C ALA B 187 -10.23 -16.67 9.64
N SER B 188 -8.97 -16.67 10.05
CA SER B 188 -8.02 -15.63 9.65
C SER B 188 -7.24 -16.05 8.41
N MET B 189 -7.98 -16.19 7.30
CA MET B 189 -7.39 -16.59 6.04
C MET B 189 -7.83 -15.75 4.86
N GLY B 190 -8.98 -15.10 4.93
CA GLY B 190 -9.48 -14.28 3.84
C GLY B 190 -10.93 -13.95 4.05
N GLU B 191 -11.37 -12.77 3.65
CA GLU B 191 -12.73 -12.33 3.95
C GLU B 191 -13.41 -11.77 2.72
N LEU B 192 -14.74 -11.85 2.73
CA LEU B 192 -15.58 -11.31 1.68
C LEU B 192 -16.36 -10.11 2.20
N ARG B 193 -16.39 -9.05 1.41
CA ARG B 193 -17.14 -7.84 1.73
C ARG B 193 -18.06 -7.51 0.57
N LEU B 194 -19.35 -7.36 0.86
CA LEU B 194 -20.35 -6.99 -0.14
C LEU B 194 -20.93 -5.65 0.24
N ASN B 195 -20.80 -4.66 -0.65
CA ASN B 195 -21.37 -3.35 -0.37
C ASN B 195 -21.95 -2.72 -1.63
N THR B 196 -22.89 -1.82 -1.42
CA THR B 196 -23.61 -1.18 -2.51
C THR B 196 -22.69 -0.23 -3.26
N LEU B 197 -22.79 -0.25 -4.59
CA LEU B 197 -22.13 0.76 -5.41
C LEU B 197 -23.11 1.87 -5.75
N ASN B 198 -24.34 1.50 -6.11
CA ASN B 198 -25.45 2.42 -6.30
C ASN B 198 -26.68 1.80 -5.67
N ALA B 199 -27.55 2.65 -5.12
CA ALA B 199 -28.75 2.16 -4.47
C ALA B 199 -29.67 1.48 -5.49
N LEU B 200 -30.59 0.66 -4.98
CA LEU B 200 -31.49 -0.12 -5.82
C LEU B 200 -32.79 0.62 -6.00
N LYS B 201 -33.23 0.75 -7.26
CA LYS B 201 -34.47 1.42 -7.61
C LYS B 201 -35.25 0.57 -8.59
N ASN B 202 -36.51 0.95 -8.81
CA ASN B 202 -37.38 0.21 -9.72
C ASN B 202 -38.34 1.18 -10.39
N ILE B 203 -38.96 0.70 -11.47
CA ILE B 203 -39.96 1.47 -12.21
C ILE B 203 -41.34 1.01 -11.77
N SER B 204 -42.11 1.93 -11.18
CA SER B 204 -43.47 1.65 -10.74
C SER B 204 -44.45 2.36 -11.66
N PHE B 205 -45.49 1.65 -12.07
CA PHE B 205 -46.49 2.23 -12.97
C PHE B 205 -47.78 2.55 -12.23
N SER B 211 -39.76 -5.23 -4.71
CA SER B 211 -39.33 -4.37 -3.61
C SER B 211 -38.11 -4.95 -2.90
N VAL B 212 -37.77 -6.20 -3.21
CA VAL B 212 -36.64 -6.88 -2.58
C VAL B 212 -35.94 -7.74 -3.63
N ALA B 213 -34.61 -7.68 -3.64
CA ALA B 213 -33.79 -8.55 -4.47
C ALA B 213 -32.81 -9.32 -3.60
N THR B 214 -32.40 -10.50 -4.06
CA THR B 214 -31.60 -11.41 -3.26
C THR B 214 -30.28 -11.74 -3.96
N ILE B 215 -29.25 -11.95 -3.14
CA ILE B 215 -27.93 -12.36 -3.61
C ILE B 215 -27.57 -13.65 -2.88
N THR B 216 -27.10 -14.65 -3.63
CA THR B 216 -26.75 -15.95 -3.07
C THR B 216 -25.37 -16.36 -3.57
N VAL B 217 -24.57 -16.93 -2.67
CA VAL B 217 -23.21 -17.35 -2.98
C VAL B 217 -23.08 -18.84 -2.72
N PHE B 218 -22.59 -19.59 -3.72
CA PHE B 218 -22.35 -21.02 -3.61
C PHE B 218 -20.85 -21.27 -3.68
N ALA B 219 -20.32 -22.00 -2.71
CA ALA B 219 -18.89 -22.23 -2.60
C ALA B 219 -18.59 -23.71 -2.60
N TYR B 220 -17.44 -24.05 -3.18
CA TYR B 220 -16.92 -25.42 -3.18
C TYR B 220 -15.45 -25.36 -3.52
N LEU B 221 -14.66 -26.27 -2.96
CA LEU B 221 -13.23 -26.27 -3.16
C LEU B 221 -12.78 -27.50 -3.94
N ASP B 222 -11.79 -27.31 -4.81
CA ASP B 222 -11.17 -28.40 -5.55
C ASP B 222 -9.67 -28.39 -5.29
N ASN B 223 -9.00 -29.41 -5.84
CA ASN B 223 -7.58 -29.64 -5.59
C ASN B 223 -7.32 -29.80 -4.09
N VAL B 224 -7.90 -30.85 -3.52
CA VAL B 224 -7.89 -31.08 -2.08
C VAL B 224 -6.78 -32.05 -1.73
N GLU B 225 -6.06 -31.77 -0.65
CA GLU B 225 -5.09 -32.70 -0.08
C GLU B 225 -5.25 -32.69 1.42
N LEU B 226 -5.52 -33.87 1.99
CA LEU B 226 -5.70 -34.04 3.43
C LEU B 226 -4.61 -34.96 3.95
N VAL B 227 -3.94 -34.53 5.03
CA VAL B 227 -2.76 -35.21 5.53
C VAL B 227 -2.84 -35.39 7.04
N ALA B 228 -2.01 -36.30 7.54
CA ALA B 228 -1.80 -36.56 8.97
C ALA B 228 -3.05 -36.97 9.71
N PRO B 229 -3.58 -38.18 9.49
CA PRO B 229 -4.72 -38.64 10.29
C PRO B 229 -4.37 -38.68 11.76
N SER B 230 -5.32 -38.30 12.59
CA SER B 230 -5.07 -38.16 14.03
C SER B 230 -6.36 -38.49 14.78
N ALA B 231 -6.40 -38.12 16.06
CA ALA B 231 -7.52 -38.40 16.95
C ALA B 231 -7.96 -37.12 17.65
N ASN B 232 -8.13 -36.05 16.87
CA ASN B 232 -8.56 -34.75 17.38
C ASN B 232 -9.83 -34.33 16.68
N ASP B 233 -10.77 -33.77 17.45
CA ASP B 233 -12.03 -33.33 16.88
C ASP B 233 -11.80 -32.16 15.94
N PRO B 234 -12.50 -32.12 14.80
CA PRO B 234 -12.40 -30.95 13.90
C PRO B 234 -13.09 -29.74 14.49
N ILE B 235 -13.05 -28.61 13.77
CA ILE B 235 -13.66 -27.39 14.28
C ILE B 235 -15.15 -27.59 14.44
N THR B 236 -15.70 -27.04 15.52
CA THR B 236 -17.10 -27.27 15.88
C THR B 236 -18.03 -26.78 14.79
N ALA B 237 -18.90 -27.66 14.32
CA ALA B 237 -19.78 -27.36 13.20
C ALA B 237 -20.82 -26.30 13.56
N GLN B 238 -21.10 -25.42 12.60
CA GLN B 238 -22.03 -24.32 12.79
C GLN B 238 -22.94 -24.24 11.58
N GLN B 239 -24.23 -24.03 11.84
CA GLN B 239 -25.18 -23.86 10.75
C GLN B 239 -25.13 -22.41 10.25
N PRO B 240 -24.93 -22.19 8.96
CA PRO B 240 -24.77 -20.81 8.46
C PRO B 240 -26.00 -19.96 8.77
N GLU B 241 -25.75 -18.70 9.15
CA GLU B 241 -26.84 -17.82 9.54
C GLU B 241 -27.73 -17.48 8.35
N LEU B 242 -27.13 -17.20 7.20
CA LEU B 242 -27.86 -16.81 6.00
C LEU B 242 -28.75 -15.59 6.25
N CYS C 1 59.67 -11.74 1.83
CA CYS C 1 60.76 -10.87 2.28
C CYS C 1 61.98 -10.99 1.37
N ARG C 2 61.92 -11.89 0.40
CA ARG C 2 63.08 -12.16 -0.44
C ARG C 2 63.32 -11.07 -1.48
N PRO C 3 62.38 -10.77 -2.40
CA PRO C 3 62.67 -9.74 -3.42
C PRO C 3 62.32 -8.35 -2.94
N VAL C 4 62.46 -7.37 -3.84
CA VAL C 4 61.97 -6.02 -3.60
C VAL C 4 61.00 -5.67 -4.73
N VAL C 5 59.92 -5.00 -4.39
CA VAL C 5 58.83 -4.75 -5.34
C VAL C 5 59.16 -3.54 -6.19
N ILE C 6 59.22 -3.74 -7.50
CA ILE C 6 59.43 -2.65 -8.44
C ILE C 6 58.15 -2.52 -9.27
N ASP C 7 57.27 -1.63 -8.84
CA ASP C 7 56.00 -1.37 -9.50
C ASP C 7 55.65 0.10 -9.29
N PRO C 8 55.16 0.77 -10.33
CA PRO C 8 54.83 2.19 -10.20
C PRO C 8 53.76 2.41 -9.16
N PRO C 9 53.88 3.48 -8.37
CA PRO C 9 52.87 3.76 -7.35
C PRO C 9 51.61 4.36 -7.97
N HIS C 10 50.47 3.76 -7.66
CA HIS C 10 49.20 4.22 -8.18
C HIS C 10 48.58 5.27 -7.25
N LYS C 11 47.56 5.95 -7.75
CA LYS C 11 46.88 6.99 -7.01
C LYS C 11 45.45 6.54 -6.74
N TYR C 12 45.06 6.54 -5.47
CA TYR C 12 43.74 6.08 -5.06
C TYR C 12 43.09 7.14 -4.20
N ARG C 13 41.76 7.05 -4.09
CA ARG C 13 40.98 7.96 -3.27
C ARG C 13 40.27 7.17 -2.18
N PRO C 14 40.50 7.46 -0.89
CA PRO C 14 39.81 6.74 0.18
C PRO C 14 38.38 7.25 0.36
N THR C 15 37.41 6.36 0.22
CA THR C 15 36.01 6.68 0.43
C THR C 15 35.52 5.96 1.68
N TYR C 16 34.93 6.71 2.61
CA TYR C 16 34.48 6.13 3.87
C TYR C 16 33.01 5.73 3.80
N VAL C 17 32.13 6.68 3.52
CA VAL C 17 30.73 6.39 3.26
C VAL C 17 30.55 6.23 1.75
N GLY C 18 30.01 5.09 1.34
CA GLY C 18 30.04 4.71 -0.05
C GLY C 18 29.20 5.56 -0.99
N ASN C 19 28.95 5.03 -2.19
CA ASN C 19 28.15 5.71 -3.20
C ASN C 19 26.68 5.37 -2.98
N MET C 20 25.90 6.35 -2.51
CA MET C 20 24.50 6.13 -2.20
C MET C 20 23.56 6.87 -3.17
N ALA C 21 23.96 7.00 -4.43
CA ALA C 21 23.12 7.59 -5.45
C ALA C 21 22.80 6.64 -6.58
N ASN C 22 23.81 6.02 -7.18
CA ASN C 22 23.58 5.14 -8.32
C ASN C 22 22.91 3.84 -7.88
N ALA C 23 22.53 3.03 -8.86
CA ALA C 23 21.90 1.75 -8.58
C ALA C 23 22.42 0.65 -9.50
N ASP C 24 23.59 0.83 -10.11
CA ASP C 24 24.17 -0.20 -10.96
C ASP C 24 25.68 -0.33 -10.76
N ILE C 25 26.15 -0.07 -9.54
CA ILE C 25 27.57 -0.19 -9.21
C ILE C 25 27.68 -1.10 -7.99
N ALA C 26 28.60 -2.06 -8.05
CA ALA C 26 28.78 -3.00 -6.95
C ALA C 26 29.23 -2.28 -5.69
N GLU C 27 28.87 -2.84 -4.55
CA GLU C 27 29.12 -2.22 -3.25
C GLU C 27 30.22 -2.94 -2.50
N ALA C 28 30.87 -2.20 -1.61
CA ALA C 28 31.87 -2.75 -0.69
C ALA C 28 31.22 -2.87 0.68
N VAL C 29 30.49 -3.97 0.87
CA VAL C 29 29.71 -4.20 2.08
C VAL C 29 29.95 -5.64 2.53
N ASP C 30 29.60 -5.92 3.78
CA ASP C 30 29.77 -7.25 4.35
C ASP C 30 28.43 -7.81 4.77
N LYS C 31 28.16 -9.04 4.35
CA LYS C 31 26.91 -9.71 4.67
C LYS C 31 27.08 -10.49 5.97
N LEU C 32 26.20 -10.24 6.94
CA LEU C 32 26.27 -10.92 8.23
C LEU C 32 25.67 -12.32 8.13
N SER C 33 26.28 -13.13 7.27
CA SER C 33 25.84 -14.49 7.01
C SER C 33 27.03 -15.44 7.12
N LEU C 34 26.72 -16.70 7.42
CA LEU C 34 27.77 -17.70 7.55
C LEU C 34 28.53 -17.90 6.25
N THR C 35 27.89 -17.64 5.12
CA THR C 35 28.52 -17.82 3.82
C THR C 35 28.37 -16.56 2.99
N SER C 36 29.31 -16.34 2.08
CA SER C 36 29.30 -15.14 1.26
C SER C 36 28.33 -15.21 0.10
N LYS C 37 27.76 -16.38 -0.19
CA LYS C 37 26.90 -16.57 -1.36
C LYS C 37 25.57 -17.19 -0.94
N GLN C 38 24.97 -16.65 0.12
CA GLN C 38 23.63 -17.04 0.50
C GLN C 38 22.63 -16.13 -0.19
N GLU C 39 21.51 -16.72 -0.64
CA GLU C 39 20.48 -15.96 -1.32
C GLU C 39 19.23 -16.82 -1.44
N LEU C 40 18.07 -16.19 -1.24
CA LEU C 40 16.79 -16.84 -1.46
C LEU C 40 16.42 -16.70 -2.94
N THR C 41 15.19 -17.05 -3.28
CA THR C 41 14.70 -16.92 -4.64
C THR C 41 13.86 -15.66 -4.79
N ILE C 42 13.87 -15.09 -6.00
CA ILE C 42 13.07 -13.92 -6.31
C ILE C 42 11.78 -14.28 -7.01
N ASN C 43 11.48 -15.57 -7.16
CA ASN C 43 10.23 -15.99 -7.78
C ASN C 43 9.03 -15.61 -6.94
N HIS C 44 7.90 -15.36 -7.60
CA HIS C 44 6.68 -15.01 -6.92
C HIS C 44 5.75 -16.19 -6.65
N ASP C 45 5.88 -17.26 -7.44
CA ASP C 45 4.98 -18.41 -7.29
C ASP C 45 5.23 -19.19 -6.01
N VAL C 46 6.33 -18.94 -5.30
CA VAL C 46 6.63 -19.68 -4.09
C VAL C 46 5.68 -19.36 -2.94
N ILE C 47 4.84 -18.34 -3.09
CA ILE C 47 3.91 -17.97 -2.03
C ILE C 47 2.47 -18.38 -2.30
N GLY C 48 2.18 -18.86 -3.51
CA GLY C 48 0.79 -19.07 -3.87
C GLY C 48 0.48 -18.80 -5.33
N LYS C 49 -0.43 -17.86 -5.56
CA LYS C 49 -0.97 -17.62 -6.89
C LYS C 49 0.13 -17.36 -7.91
N LYS C 50 -0.04 -17.94 -9.10
CA LYS C 50 0.86 -17.67 -10.21
C LYS C 50 0.80 -16.20 -10.59
N SER C 51 1.97 -15.59 -10.76
CA SER C 51 2.03 -14.20 -11.17
C SER C 51 1.92 -14.08 -12.69
N ASP C 52 1.39 -12.95 -13.13
CA ASP C 52 1.26 -12.68 -14.55
C ASP C 52 2.57 -12.22 -15.18
N GLY C 53 3.56 -11.87 -14.36
CA GLY C 53 4.83 -11.38 -14.85
C GLY C 53 5.69 -10.93 -13.70
N ASP C 54 6.28 -9.74 -13.81
CA ASP C 54 7.00 -9.14 -12.70
C ASP C 54 6.03 -8.27 -11.92
N ASP C 55 5.80 -8.60 -10.67
CA ASP C 55 4.87 -7.86 -9.83
C ASP C 55 5.48 -6.62 -9.22
N MET C 56 6.78 -6.37 -9.47
CA MET C 56 7.46 -5.20 -8.98
C MET C 56 7.69 -4.15 -10.06
N HIS C 57 7.40 -4.48 -11.32
CA HIS C 57 7.45 -3.51 -12.39
C HIS C 57 6.40 -2.42 -12.15
N LEU C 58 6.71 -1.21 -12.60
CA LEU C 58 5.81 -0.09 -12.34
C LEU C 58 4.59 -0.09 -13.25
N SER C 59 4.58 -0.88 -14.31
CA SER C 59 3.40 -0.96 -15.18
C SER C 59 2.22 -1.62 -14.50
N THR C 60 2.42 -2.30 -13.38
CA THR C 60 1.29 -2.86 -12.64
C THR C 60 0.50 -1.80 -11.91
N PHE C 61 1.10 -0.64 -11.62
CA PHE C 61 0.35 0.47 -11.06
C PHE C 61 -0.35 1.27 -12.16
N PHE C 62 0.33 1.52 -13.27
CA PHE C 62 -0.27 2.19 -14.43
C PHE C 62 -1.01 1.12 -15.23
N GLY C 63 -2.30 0.97 -14.97
CA GLY C 63 -3.02 -0.10 -15.63
C GLY C 63 -3.83 -0.95 -14.68
N ARG C 64 -4.12 -0.41 -13.50
CA ARG C 64 -5.13 -0.98 -12.62
C ARG C 64 -6.22 0.06 -12.44
N GLU C 65 -7.46 -0.33 -12.74
CA GLU C 65 -8.58 0.59 -12.70
C GLU C 65 -8.94 0.95 -11.26
N ALA C 66 -9.66 2.05 -11.10
CA ALA C 66 -10.10 2.48 -9.79
C ALA C 66 -11.37 3.32 -9.91
N TYR C 67 -12.34 3.03 -9.06
CA TYR C 67 -13.57 3.80 -9.00
C TYR C 67 -13.31 5.07 -8.21
N MET C 68 -13.58 6.23 -8.80
CA MET C 68 -13.23 7.50 -8.15
C MET C 68 -14.40 8.05 -7.35
N ASP C 69 -15.48 8.43 -8.04
CA ASP C 69 -16.76 8.74 -7.42
C ASP C 69 -17.80 8.89 -8.53
N ARG C 70 -18.97 9.41 -8.18
CA ARG C 70 -20.11 9.43 -9.09
C ARG C 70 -20.81 10.78 -9.04
N PHE C 71 -21.46 11.13 -10.16
CA PHE C 71 -22.30 12.32 -10.23
C PHE C 71 -23.68 11.90 -10.71
N GLU C 72 -24.60 12.87 -10.84
CA GLU C 72 -25.99 12.54 -11.10
C GLU C 72 -26.58 13.48 -12.16
N TRP C 73 -27.61 12.98 -12.85
CA TRP C 73 -28.18 13.62 -14.04
C TRP C 73 -29.34 14.55 -13.71
N LYS C 74 -30.31 14.10 -12.91
CA LYS C 74 -31.40 14.98 -12.49
C LYS C 74 -32.20 15.53 -13.66
N THR C 75 -33.05 14.69 -14.26
CA THR C 75 -33.66 14.93 -15.57
C THR C 75 -34.29 16.30 -15.76
N THR C 76 -34.50 17.04 -14.68
CA THR C 76 -34.91 18.45 -14.79
C THR C 76 -33.72 19.33 -15.16
N ASP C 77 -33.12 19.01 -16.30
CA ASP C 77 -31.94 19.71 -16.81
C ASP C 77 -32.23 20.24 -18.20
N SER C 78 -31.77 21.46 -18.48
CA SER C 78 -32.09 22.14 -19.72
C SER C 78 -31.20 21.59 -20.84
N TYR C 79 -31.19 22.30 -21.98
CA TYR C 79 -30.55 21.77 -23.18
C TYR C 79 -29.04 21.59 -23.00
N ASP C 80 -28.38 22.56 -22.37
CA ASP C 80 -26.92 22.49 -22.19
C ASP C 80 -26.58 22.95 -20.77
N THR C 81 -26.34 21.98 -19.90
CA THR C 81 -25.92 22.24 -18.53
C THR C 81 -24.72 21.38 -18.19
N LEU C 82 -23.83 21.92 -17.37
CA LEU C 82 -22.63 21.21 -16.99
C LEU C 82 -22.96 20.10 -16.00
N LEU C 83 -22.39 18.92 -16.24
CA LEU C 83 -22.55 17.78 -15.33
C LEU C 83 -21.25 17.33 -14.70
N PHE C 84 -20.12 17.49 -15.37
CA PHE C 84 -18.85 16.96 -14.91
C PHE C 84 -17.72 17.83 -15.45
N TYR C 85 -16.71 18.06 -14.60
CA TYR C 85 -15.57 18.90 -14.96
C TYR C 85 -14.35 18.37 -14.22
N THR C 86 -13.28 18.10 -14.95
CA THR C 86 -12.09 17.56 -14.30
C THR C 86 -10.84 17.93 -15.09
N HIS C 87 -9.72 18.02 -14.38
CA HIS C 87 -8.42 18.11 -15.02
C HIS C 87 -7.93 16.71 -15.38
N VAL C 88 -6.86 16.64 -16.17
CA VAL C 88 -6.44 15.37 -16.74
C VAL C 88 -5.06 15.01 -16.20
N HIS C 89 -4.80 15.36 -14.94
CA HIS C 89 -3.58 14.92 -14.29
C HIS C 89 -3.89 13.79 -13.32
N PRO C 90 -2.91 12.93 -13.01
CA PRO C 90 -3.22 11.70 -12.27
C PRO C 90 -3.36 11.86 -10.77
N ILE C 91 -3.03 13.01 -10.20
CA ILE C 91 -3.08 13.19 -8.74
C ILE C 91 -4.45 13.76 -8.41
N LEU C 92 -5.39 12.86 -8.13
CA LEU C 92 -6.77 13.23 -7.81
C LEU C 92 -7.04 12.80 -6.36
N PHE C 93 -6.89 13.75 -5.44
CA PHE C 93 -7.04 13.43 -4.02
C PHE C 93 -8.51 13.17 -3.69
N LYS C 94 -8.73 12.46 -2.59
CA LYS C 94 -10.07 12.07 -2.17
C LYS C 94 -10.06 11.94 -0.65
N ARG C 95 -10.51 12.98 0.03
CA ARG C 95 -10.49 13.04 1.49
C ARG C 95 -11.66 12.26 2.08
N PHE C 96 -11.53 11.89 3.35
CA PHE C 96 -12.63 11.26 4.07
C PHE C 96 -12.49 11.52 5.56
N GLU C 97 -13.57 11.25 6.28
CA GLU C 97 -13.65 11.42 7.72
C GLU C 97 -14.05 10.11 8.38
N ALA C 98 -13.47 9.83 9.55
CA ALA C 98 -13.78 8.60 10.25
C ALA C 98 -15.22 8.58 10.72
N THR C 99 -15.89 7.45 10.56
CA THR C 99 -17.29 7.34 10.91
C THR C 99 -17.48 7.09 12.41
N SER C 100 -16.91 5.99 12.91
CA SER C 100 -17.10 5.58 14.30
C SER C 100 -15.78 5.69 15.05
N GLY C 101 -15.79 6.41 16.15
CA GLY C 101 -14.61 6.61 16.98
C GLY C 101 -14.29 8.07 17.16
N ASP C 102 -13.01 8.35 17.35
CA ASP C 102 -12.54 9.73 17.50
C ASP C 102 -12.40 10.38 16.13
N TYR C 103 -12.08 11.67 16.14
CA TYR C 103 -11.93 12.40 14.89
C TYR C 103 -10.67 11.96 14.17
N ASP C 104 -10.80 11.61 12.90
CA ASP C 104 -9.67 11.20 12.09
C ASP C 104 -9.89 11.61 10.65
N VAL C 105 -8.81 11.80 9.92
CA VAL C 105 -8.84 12.22 8.53
C VAL C 105 -7.86 11.37 7.74
N GLY C 106 -7.87 11.55 6.43
CA GLY C 106 -6.96 10.85 5.56
C GLY C 106 -7.32 11.11 4.11
N MET C 107 -6.35 10.86 3.24
CA MET C 107 -6.51 11.01 1.80
C MET C 107 -6.49 9.63 1.16
N LEU C 108 -6.60 9.62 -0.16
CA LEU C 108 -6.69 8.38 -0.92
C LEU C 108 -6.45 8.70 -2.39
N LEU C 109 -5.67 7.86 -3.06
CA LEU C 109 -5.30 8.08 -4.44
C LEU C 109 -5.52 6.82 -5.26
N PRO C 110 -5.77 6.96 -6.56
CA PRO C 110 -5.84 5.79 -7.44
C PRO C 110 -4.46 5.21 -7.67
N PRO C 111 -4.38 3.98 -8.19
CA PRO C 111 -3.05 3.39 -8.46
C PRO C 111 -2.19 4.22 -9.39
N VAL C 112 -2.79 4.95 -10.33
CA VAL C 112 -2.01 5.80 -11.22
C VAL C 112 -1.34 6.91 -10.42
N GLY C 113 -2.08 7.55 -9.51
CA GLY C 113 -1.55 8.65 -8.74
C GLY C 113 -0.75 8.27 -7.52
N TYR C 114 -0.72 7.00 -7.16
CA TYR C 114 0.09 6.54 -6.04
C TYR C 114 1.50 6.16 -6.45
N ALA C 115 1.72 5.85 -7.72
CA ALA C 115 3.03 5.45 -8.19
C ALA C 115 3.81 6.59 -8.83
N THR C 116 3.13 7.62 -9.33
CA THR C 116 3.82 8.76 -9.93
C THR C 116 4.15 9.85 -8.93
N ILE C 117 3.68 9.72 -7.69
CA ILE C 117 3.87 10.77 -6.70
C ILE C 117 5.31 10.81 -6.19
N PRO C 118 6.08 9.71 -6.13
CA PRO C 118 7.50 9.85 -5.78
C PRO C 118 8.33 10.61 -6.81
N PHE C 119 7.87 10.70 -8.05
CA PHE C 119 8.65 11.30 -9.12
C PHE C 119 8.25 12.76 -9.31
N SER C 120 8.86 13.41 -10.31
CA SER C 120 8.71 14.84 -10.48
C SER C 120 8.12 15.27 -11.82
N PHE C 121 8.17 14.43 -12.85
CA PHE C 121 7.58 14.74 -14.14
C PHE C 121 6.79 13.53 -14.63
N TRP C 122 5.76 13.80 -15.43
CA TRP C 122 4.92 12.72 -15.95
C TRP C 122 4.50 13.03 -17.38
N ARG C 123 4.20 11.97 -18.12
CA ARG C 123 3.89 12.07 -19.54
C ARG C 123 3.15 10.82 -19.97
N GLY C 124 2.13 10.99 -20.80
CA GLY C 124 1.39 9.88 -21.36
C GLY C 124 -0.09 10.19 -21.38
N GLY C 125 -0.87 9.21 -21.84
CA GLY C 125 -2.31 9.36 -21.93
C GLY C 125 -3.01 8.59 -20.83
N MET C 126 -4.21 9.06 -20.47
CA MET C 126 -5.01 8.43 -19.43
C MET C 126 -6.39 8.13 -19.98
N THR C 127 -6.94 6.97 -19.61
CA THR C 127 -8.22 6.53 -20.13
C THR C 127 -9.28 6.59 -19.03
N PHE C 128 -10.37 7.30 -19.30
CA PHE C 128 -11.50 7.38 -18.38
C PHE C 128 -12.60 6.47 -18.89
N ARG C 129 -13.43 5.98 -17.97
CA ARG C 129 -14.54 5.11 -18.32
C ARG C 129 -15.78 5.55 -17.55
N PHE C 130 -16.90 5.69 -18.25
CA PHE C 130 -18.17 6.10 -17.66
C PHE C 130 -19.17 4.97 -17.75
N SER C 131 -19.98 4.83 -16.68
CA SER C 131 -21.03 3.83 -16.65
C SER C 131 -22.26 4.47 -16.02
N ILE C 132 -23.37 4.46 -16.76
CA ILE C 132 -24.63 4.99 -16.28
C ILE C 132 -25.47 3.83 -15.75
N VAL C 133 -25.89 3.92 -14.51
CA VAL C 133 -26.75 2.91 -13.90
C VAL C 133 -28.20 3.35 -14.03
N ALA C 134 -28.88 2.78 -15.02
CA ALA C 134 -30.26 3.13 -15.31
C ALA C 134 -30.94 1.96 -16.00
N SER C 135 -32.27 2.00 -16.02
CA SER C 135 -33.04 0.95 -16.65
C SER C 135 -32.91 1.03 -18.17
N ALA C 136 -33.39 0.00 -18.85
CA ALA C 136 -33.31 -0.05 -20.30
C ALA C 136 -34.31 0.86 -20.99
N PHE C 137 -35.37 1.26 -20.31
CA PHE C 137 -36.36 2.17 -20.90
C PHE C 137 -36.03 3.63 -20.58
N HIS C 138 -34.79 4.02 -20.86
CA HIS C 138 -34.35 5.40 -20.62
C HIS C 138 -33.71 5.92 -21.90
N ARG C 139 -34.01 7.17 -22.23
CA ARG C 139 -33.53 7.80 -23.46
C ARG C 139 -32.97 9.17 -23.14
N GLY C 140 -31.69 9.38 -23.46
CA GLY C 140 -31.05 10.66 -23.26
C GLY C 140 -29.83 10.75 -24.15
N ARG C 141 -29.16 11.91 -24.08
CA ARG C 141 -27.98 12.12 -24.91
C ARG C 141 -27.06 13.15 -24.26
N LEU C 142 -25.79 12.80 -24.11
CA LEU C 142 -24.76 13.65 -23.53
C LEU C 142 -23.62 13.79 -24.52
N ARG C 143 -22.77 14.80 -24.29
CA ARG C 143 -21.59 15.02 -25.12
C ARG C 143 -20.38 15.30 -24.25
N ILE C 144 -19.22 14.91 -24.75
CA ILE C 144 -17.94 15.05 -24.07
C ILE C 144 -17.04 15.94 -24.92
N VAL C 145 -16.44 16.94 -24.30
CA VAL C 145 -15.61 17.92 -24.99
C VAL C 145 -14.25 17.96 -24.30
N TYR C 146 -13.18 18.06 -25.10
CA TYR C 146 -11.82 18.08 -24.60
C TYR C 146 -11.12 19.35 -25.09
N GLN C 147 -10.58 20.12 -24.15
CA GLN C 147 -9.88 21.36 -24.47
C GLN C 147 -8.42 21.25 -24.06
N PRO C 148 -7.47 21.20 -25.00
CA PRO C 148 -6.08 20.96 -24.62
C PRO C 148 -5.47 21.99 -23.69
N GLN C 149 -5.90 23.25 -23.78
CA GLN C 149 -5.26 24.29 -22.97
C GLN C 149 -6.25 25.41 -22.71
N GLY C 150 -6.03 26.12 -21.61
CA GLY C 150 -6.88 27.24 -21.25
C GLY C 150 -8.00 26.87 -20.32
N GLY C 151 -8.91 26.01 -20.78
CA GLY C 151 -10.05 25.57 -19.99
C GLY C 151 -11.33 25.75 -20.74
N LEU C 152 -12.44 25.60 -20.03
CA LEU C 152 -13.78 25.73 -20.59
C LEU C 152 -14.65 26.56 -19.67
N GLY C 153 -14.14 27.73 -19.27
CA GLY C 153 -14.84 28.59 -18.32
C GLY C 153 -16.18 29.10 -18.82
N THR C 154 -16.45 28.98 -20.13
CA THR C 154 -17.73 29.32 -20.71
C THR C 154 -18.19 28.17 -21.58
N VAL C 155 -19.50 28.09 -21.80
CA VAL C 155 -20.04 26.98 -22.60
C VAL C 155 -19.50 27.08 -24.02
N PRO C 156 -18.88 26.02 -24.56
CA PRO C 156 -18.28 26.11 -25.89
C PRO C 156 -19.28 25.86 -27.00
N GLY C 157 -18.81 25.87 -28.24
CA GLY C 157 -19.66 25.56 -29.36
C GLY C 157 -19.87 24.07 -29.53
N PHE C 158 -20.98 23.73 -30.18
CA PHE C 158 -21.36 22.34 -30.42
C PHE C 158 -20.55 21.70 -31.55
N SER C 159 -19.61 22.43 -32.13
CA SER C 159 -18.85 21.92 -33.27
C SER C 159 -18.29 20.53 -32.99
N ALA C 160 -18.20 19.72 -34.03
CA ALA C 160 -17.70 18.36 -33.94
C ALA C 160 -16.18 18.28 -33.96
N ALA C 161 -15.50 19.38 -33.65
CA ALA C 161 -14.04 19.40 -33.69
C ALA C 161 -13.46 18.39 -32.71
N PHE C 162 -13.95 18.39 -31.47
CA PHE C 162 -13.47 17.42 -30.49
C PHE C 162 -14.62 16.90 -29.61
N ASN C 163 -15.84 16.92 -30.12
CA ASN C 163 -17.01 16.50 -29.35
C ASN C 163 -17.35 15.05 -29.67
N ARG C 164 -17.55 14.25 -28.62
CA ARG C 164 -18.00 12.87 -28.79
C ARG C 164 -19.35 12.70 -28.11
N VAL C 165 -20.29 12.07 -28.81
CA VAL C 165 -21.69 12.02 -28.39
C VAL C 165 -22.02 10.62 -27.91
N ILE C 166 -22.70 10.53 -26.77
CA ILE C 166 -23.09 9.26 -26.18
C ILE C 166 -24.58 9.31 -25.85
N ASP C 167 -25.33 8.31 -26.33
CA ASP C 167 -26.76 8.27 -26.13
C ASP C 167 -27.17 6.99 -25.41
N LEU C 168 -28.18 7.10 -24.55
CA LEU C 168 -28.65 5.97 -23.77
C LEU C 168 -29.35 4.91 -24.61
N GLY C 169 -29.71 5.22 -25.86
CA GLY C 169 -30.35 4.24 -26.71
C GLY C 169 -29.43 3.23 -27.34
N ASP C 170 -28.11 3.38 -27.16
CA ASP C 170 -27.13 2.46 -27.72
C ASP C 170 -26.57 1.52 -26.65
N ALA C 171 -26.04 2.07 -25.57
CA ALA C 171 -25.54 1.29 -24.45
C ALA C 171 -25.41 2.22 -23.26
N ARG C 172 -24.87 1.70 -22.15
CA ARG C 172 -24.72 2.50 -20.94
C ARG C 172 -23.29 2.50 -20.40
N ASP C 173 -22.34 1.91 -21.13
CA ASP C 173 -20.94 1.86 -20.72
C ASP C 173 -20.08 2.39 -21.86
N PHE C 174 -19.27 3.41 -21.57
CA PHE C 174 -18.36 3.98 -22.56
C PHE C 174 -16.99 4.14 -21.94
N GLU C 175 -15.96 4.16 -22.77
CA GLU C 175 -14.61 4.50 -22.31
C GLU C 175 -13.87 5.25 -23.39
N VAL C 176 -13.16 6.30 -22.97
CA VAL C 176 -12.40 7.15 -23.89
C VAL C 176 -11.00 7.30 -23.32
N THR C 177 -10.05 7.63 -24.19
CA THR C 177 -8.65 7.80 -23.81
C THR C 177 -8.19 9.17 -24.26
N VAL C 178 -7.79 10.01 -23.32
CA VAL C 178 -7.21 11.31 -23.64
C VAL C 178 -5.70 11.12 -23.73
N GLU C 179 -5.14 11.41 -24.89
CA GLU C 179 -3.73 11.16 -25.16
C GLU C 179 -2.93 12.45 -25.08
N TRP C 180 -1.61 12.31 -25.14
CA TRP C 180 -0.73 13.44 -24.90
C TRP C 180 -0.76 14.40 -26.08
N ASN C 181 -1.14 15.65 -25.82
CA ASN C 181 -1.10 16.69 -26.84
C ASN C 181 -0.81 18.02 -26.15
N GLN C 182 0.48 18.36 -26.07
CA GLN C 182 0.92 19.63 -25.52
C GLN C 182 2.18 20.03 -26.27
N ASN C 183 2.53 21.33 -26.18
CA ASN C 183 3.77 21.78 -26.80
C ASN C 183 4.97 21.26 -26.03
N ILE C 184 4.92 21.31 -24.70
CA ILE C 184 6.01 20.83 -23.84
C ILE C 184 6.00 19.31 -23.87
N ALA C 185 7.08 18.69 -23.38
CA ALA C 185 7.20 17.24 -23.41
C ALA C 185 6.86 16.57 -22.08
N PHE C 186 7.03 17.26 -20.96
CA PHE C 186 6.79 16.68 -19.65
C PHE C 186 6.12 17.72 -18.77
N ARG C 187 5.08 17.30 -18.04
CA ARG C 187 4.43 18.16 -17.08
C ARG C 187 4.91 17.83 -15.68
N GLU C 188 4.52 18.64 -14.72
CA GLU C 188 4.93 18.46 -13.33
C GLU C 188 3.92 17.60 -12.59
N VAL C 189 4.25 17.26 -11.35
CA VAL C 189 3.41 16.40 -10.51
C VAL C 189 2.80 17.26 -9.41
N HIS C 190 1.48 17.24 -9.33
CA HIS C 190 0.76 18.04 -8.36
C HIS C 190 1.05 17.56 -6.94
N THR C 191 1.00 18.50 -6.00
CA THR C 191 1.17 18.19 -4.59
C THR C 191 0.24 19.06 -3.76
N THR C 192 0.06 18.68 -2.50
CA THR C 192 -0.80 19.39 -1.58
C THR C 192 0.01 19.91 -0.40
N GLY C 193 -0.47 20.99 0.20
CA GLY C 193 0.24 21.59 1.31
C GLY C 193 -0.35 21.26 2.67
N SER C 194 -1.67 21.29 2.77
CA SER C 194 -2.37 21.05 4.02
C SER C 194 -3.07 19.69 3.96
N ASN C 195 -3.71 19.34 5.06
CA ASN C 195 -4.39 18.05 5.18
C ASN C 195 -5.74 18.04 4.46
N VAL C 196 -6.24 19.19 4.03
CA VAL C 196 -7.48 19.27 3.26
C VAL C 196 -7.18 19.81 1.88
N PRO C 197 -7.07 18.96 0.86
CA PRO C 197 -6.66 19.42 -0.46
C PRO C 197 -7.79 20.14 -1.19
N SER C 198 -7.40 20.83 -2.26
CA SER C 198 -8.35 21.55 -3.10
C SER C 198 -8.94 20.60 -4.14
N ALA C 199 -10.11 20.97 -4.65
CA ALA C 199 -10.84 20.11 -5.57
C ALA C 199 -10.19 20.12 -6.95
N GLN C 200 -9.99 18.93 -7.52
CA GLN C 200 -9.53 18.79 -8.89
C GLN C 200 -10.61 18.28 -9.83
N TYR C 201 -11.85 18.14 -9.34
CA TYR C 201 -12.98 17.77 -10.17
C TYR C 201 -14.26 18.06 -9.39
N THR C 202 -15.29 18.49 -10.10
CA THR C 202 -16.60 18.75 -9.51
C THR C 202 -17.68 18.20 -10.43
N PRO C 203 -18.79 17.73 -9.87
CA PRO C 203 -19.08 17.55 -8.45
C PRO C 203 -18.80 16.12 -7.99
N GLY C 204 -18.91 15.85 -6.69
CA GLY C 204 -18.72 14.51 -6.18
C GLY C 204 -19.68 14.20 -5.05
N LEU C 205 -20.43 13.11 -5.18
CA LEU C 205 -21.40 12.76 -4.16
C LEU C 205 -20.79 12.04 -2.98
N ASP C 206 -19.55 11.56 -3.08
CA ASP C 206 -18.89 10.89 -1.97
C ASP C 206 -18.23 11.88 -1.02
N VAL C 207 -17.45 12.82 -1.58
CA VAL C 207 -16.79 13.82 -0.74
C VAL C 207 -17.74 14.91 -0.26
N GLY C 208 -18.94 14.98 -0.81
CA GLY C 208 -19.91 15.98 -0.42
C GLY C 208 -19.91 17.25 -1.26
N ARG C 209 -19.15 17.28 -2.35
CA ARG C 209 -19.10 18.46 -3.20
C ARG C 209 -20.37 18.55 -4.04
N THR C 210 -20.99 19.73 -4.04
CA THR C 210 -22.19 19.96 -4.82
C THR C 210 -22.02 21.06 -5.87
N SER C 211 -20.86 21.70 -5.92
CA SER C 211 -20.65 22.78 -6.87
C SER C 211 -20.68 22.26 -8.30
N GLN C 212 -21.20 23.09 -9.21
CA GLN C 212 -21.28 22.74 -10.62
C GLN C 212 -20.76 23.86 -11.50
N LEU C 213 -19.76 24.60 -11.02
CA LEU C 213 -19.12 25.63 -11.80
C LEU C 213 -17.71 25.21 -12.20
N PRO C 214 -17.21 25.68 -13.33
CA PRO C 214 -15.85 25.30 -13.74
C PRO C 214 -14.81 25.75 -12.72
N LEU C 215 -13.76 24.94 -12.58
CA LEU C 215 -12.75 25.17 -11.55
C LEU C 215 -11.75 26.22 -12.02
N GLY C 216 -10.65 26.36 -11.28
CA GLY C 216 -9.60 27.29 -11.63
C GLY C 216 -8.77 26.82 -12.80
N ASP C 217 -7.49 27.19 -12.79
CA ASP C 217 -6.57 26.83 -13.88
C ASP C 217 -5.29 26.28 -13.29
N GLN C 218 -4.95 25.05 -13.68
CA GLN C 218 -3.68 24.41 -13.33
C GLN C 218 -3.10 23.87 -14.64
N THR C 219 -2.38 24.71 -15.36
CA THR C 219 -1.84 24.33 -16.66
C THR C 219 -0.45 23.74 -16.59
N SER C 220 0.30 24.02 -15.53
CA SER C 220 1.66 23.50 -15.42
C SER C 220 1.71 22.04 -14.99
N VAL C 221 0.59 21.49 -14.53
CA VAL C 221 0.57 20.13 -14.01
C VAL C 221 -0.40 19.21 -14.73
N SER C 222 -1.23 19.73 -15.65
CA SER C 222 -2.31 18.95 -16.22
C SER C 222 -2.21 18.90 -17.73
N ASN C 223 -2.82 17.86 -18.30
CA ASN C 223 -2.88 17.64 -19.74
C ASN C 223 -4.04 18.36 -20.41
N GLY C 224 -4.86 19.06 -19.64
CA GLY C 224 -5.99 19.76 -20.23
C GLY C 224 -7.21 19.76 -19.34
N VAL C 225 -8.38 19.52 -19.92
CA VAL C 225 -9.62 19.52 -19.15
C VAL C 225 -10.62 18.63 -19.87
N LEU C 226 -11.53 18.03 -19.12
CA LEU C 226 -12.57 17.16 -19.66
C LEU C 226 -13.87 17.53 -18.98
N ALA C 227 -14.89 17.87 -19.77
CA ALA C 227 -16.18 18.28 -19.26
C ALA C 227 -17.28 17.52 -19.97
N VAL C 228 -18.40 17.36 -19.28
CA VAL C 228 -19.55 16.60 -19.77
C VAL C 228 -20.75 17.54 -19.83
N TYR C 229 -21.39 17.61 -20.99
CA TYR C 229 -22.54 18.47 -21.20
C TYR C 229 -23.72 17.65 -21.69
N VAL C 230 -24.92 18.09 -21.33
CA VAL C 230 -26.13 17.41 -21.73
C VAL C 230 -26.55 17.89 -23.12
N VAL C 231 -27.18 16.99 -23.88
CA VAL C 231 -27.66 17.32 -25.22
C VAL C 231 -29.18 17.18 -25.23
N ASN C 232 -29.67 15.98 -24.92
CA ASN C 232 -31.10 15.73 -24.78
C ASN C 232 -31.35 15.16 -23.40
N ASP C 233 -32.08 15.91 -22.57
CA ASP C 233 -32.35 15.46 -21.21
C ASP C 233 -33.14 14.17 -21.22
N LEU C 234 -32.86 13.30 -20.26
CA LEU C 234 -33.46 11.98 -20.29
C LEU C 234 -34.88 12.01 -19.73
N VAL C 235 -35.68 11.05 -20.18
CA VAL C 235 -37.06 10.88 -19.72
C VAL C 235 -37.24 9.44 -19.27
N SER C 236 -37.87 9.27 -18.12
CA SER C 236 -38.14 7.96 -17.59
C SER C 236 -39.62 7.62 -17.73
N PRO C 237 -39.96 6.34 -17.91
CA PRO C 237 -41.37 5.98 -18.08
C PRO C 237 -42.15 6.07 -16.78
N ASP C 238 -42.26 7.28 -16.23
CA ASP C 238 -42.98 7.50 -14.99
C ASP C 238 -43.93 8.69 -15.02
N GLY C 239 -43.77 9.61 -15.95
CA GLY C 239 -44.62 10.80 -15.97
C GLY C 239 -44.22 11.85 -14.95
N GLY C 240 -44.12 11.46 -13.69
CA GLY C 240 -43.69 12.38 -12.63
C GLY C 240 -42.21 12.67 -12.83
N THR C 241 -41.91 13.81 -13.43
CA THR C 241 -40.53 14.19 -13.71
C THR C 241 -40.00 15.03 -12.56
N ASP C 242 -39.72 14.35 -11.45
CA ASP C 242 -39.05 14.95 -10.31
C ASP C 242 -38.02 13.98 -9.75
N GLU C 243 -37.34 13.26 -10.64
CA GLU C 243 -36.42 12.21 -10.25
C GLU C 243 -35.04 12.44 -10.87
N SER C 244 -34.13 11.48 -10.70
CA SER C 244 -32.76 11.63 -11.18
C SER C 244 -32.20 10.25 -11.53
N VAL C 245 -30.94 10.24 -11.94
CA VAL C 245 -30.20 9.01 -12.18
C VAL C 245 -28.72 9.35 -12.06
N GLU C 246 -27.93 8.40 -11.59
CA GLU C 246 -26.52 8.65 -11.32
C GLU C 246 -25.63 7.82 -12.23
N VAL C 247 -24.38 8.29 -12.36
CA VAL C 247 -23.40 7.74 -13.28
C VAL C 247 -22.03 7.84 -12.63
N ASN C 248 -21.22 6.80 -12.78
CA ASN C 248 -19.94 6.71 -12.08
C ASN C 248 -18.81 6.43 -13.07
N TRP C 249 -17.61 6.89 -12.70
CA TRP C 249 -16.47 6.86 -13.61
C TRP C 249 -15.25 6.23 -12.94
N PHE C 250 -14.38 5.69 -13.79
CA PHE C 250 -13.16 5.00 -13.38
C PHE C 250 -11.98 5.54 -14.18
N VAL C 251 -10.80 5.53 -13.55
CA VAL C 251 -9.59 6.12 -14.10
C VAL C 251 -8.51 5.06 -14.20
N LYS C 252 -7.72 5.11 -15.27
CA LYS C 252 -6.64 4.16 -15.49
C LYS C 252 -5.48 4.93 -16.14
N GLY C 253 -4.48 4.20 -16.63
CA GLY C 253 -3.40 4.80 -17.40
C GLY C 253 -3.11 4.02 -18.66
N ALA C 254 -3.06 4.71 -19.80
CA ALA C 254 -2.86 4.04 -21.07
C ALA C 254 -1.46 3.44 -21.15
N PRO C 255 -1.24 2.47 -22.05
CA PRO C 255 0.09 1.85 -22.11
C PRO C 255 1.12 2.73 -22.80
N SER C 256 1.14 4.01 -22.42
CA SER C 256 2.18 4.94 -22.81
C SER C 256 2.56 5.85 -21.65
N PHE C 257 1.98 5.65 -20.48
CA PHE C 257 2.30 6.46 -19.31
C PHE C 257 3.74 6.23 -18.87
N GLU C 258 4.39 7.30 -18.40
CA GLU C 258 5.75 7.18 -17.90
C GLU C 258 6.06 8.37 -17.01
N VAL C 259 7.15 8.25 -16.25
CA VAL C 259 7.54 9.23 -15.25
C VAL C 259 9.01 9.60 -15.47
N ALA C 260 9.54 10.40 -14.55
CA ALA C 260 10.87 10.99 -14.72
C ALA C 260 11.51 11.15 -13.34
N SER C 261 12.50 12.04 -13.24
CA SER C 261 13.44 12.16 -12.13
C SER C 261 12.80 12.09 -10.75
N ARG C 262 13.53 11.57 -9.78
CA ARG C 262 13.03 11.31 -8.44
C ARG C 262 12.75 12.62 -7.70
N ASP C 263 11.94 12.52 -6.65
CA ASP C 263 11.52 13.68 -5.88
C ASP C 263 11.33 13.27 -4.43
N THR C 264 11.35 14.27 -3.55
CA THR C 264 11.17 14.06 -2.11
C THR C 264 10.10 15.04 -1.62
N LYS C 265 8.83 14.65 -1.74
CA LYS C 265 7.73 15.43 -1.17
C LYS C 265 6.85 14.63 -0.23
N PHE C 266 6.99 13.32 -0.17
CA PHE C 266 6.28 12.50 0.79
C PHE C 266 7.09 12.25 2.04
N ALA C 267 8.06 13.12 2.33
CA ALA C 267 8.94 12.91 3.48
C ALA C 267 8.18 13.01 4.79
N ARG C 268 7.26 13.96 4.90
CA ARG C 268 6.53 14.19 6.14
C ARG C 268 5.16 13.50 6.14
N TRP C 269 4.90 12.62 5.19
CA TRP C 269 3.65 11.88 5.13
C TRP C 269 3.84 10.50 5.74
N SER C 270 2.72 9.87 6.10
CA SER C 270 2.76 8.51 6.63
C SER C 270 1.47 7.80 6.26
N THR C 271 1.57 6.48 6.12
CA THR C 271 0.40 5.66 5.82
C THR C 271 -0.39 5.30 7.07
N HIS C 272 0.10 5.66 8.25
CA HIS C 272 -0.61 5.41 9.50
C HIS C 272 -1.41 6.66 9.84
N TRP C 273 -2.73 6.56 9.77
CA TRP C 273 -3.61 7.73 9.90
C TRP C 273 -4.57 7.66 11.07
N SER C 274 -4.63 6.54 11.79
CA SER C 274 -5.74 6.28 12.68
C SER C 274 -5.46 6.61 14.14
N GLN C 275 -4.39 7.36 14.44
CA GLN C 275 -4.14 7.68 15.83
C GLN C 275 -3.65 9.10 16.05
N GLU C 276 -3.96 10.02 15.15
CA GLU C 276 -3.57 11.41 15.30
C GLU C 276 -4.74 12.22 15.86
N GLU C 277 -4.56 13.54 15.92
CA GLU C 277 -5.60 14.46 16.39
C GLU C 277 -6.05 14.11 17.81
N PHE C 278 -5.11 14.24 18.73
CA PHE C 278 -5.36 13.96 20.14
C PHE C 278 -6.21 15.06 20.77
#